data_6YE8
#
_entry.id   6YE8
#
_cell.length_a   70.830
_cell.length_b   70.830
_cell.length_c   272.083
_cell.angle_alpha   90.000
_cell.angle_beta   90.000
_cell.angle_gamma   120.000
#
_symmetry.space_group_name_H-M   'P 32 2 1'
#
loop_
_entity.id
_entity.type
_entity.pdbx_description
1 polymer 'Putrescine-binding periplasmic protein'
2 non-polymer SPERMIDINE
3 non-polymer (2R)-1-methoxypropan-2-amine
4 non-polymer (2~{S})-1-(2-methoxyethoxy)propan-2-amine
5 non-polymer 'CHLORIDE ION'
6 non-polymer 'SULFATE ION'
7 water water
#
_entity_poly.entity_id   1
_entity_poly.type   'polypeptide(L)'
_entity_poly.pdbx_seq_one_letter_code
;AEQKTLHIYNWSDYIAPDTVANFEKETGIKVVYDVFDSNEVLEGKLMAGSTGFDLVVPSASFLERQLTAGVFQPLDKSKL
PEWKNLDPELLKLVAKHDPDNKFAMPYMWATTGIGYNVDKVKAVLGENAPVDSWDLILKPENLEKLKSCGVSFLDAPEEV
FATVLNYLGKDPNSTKADDYTGPATDLLLKLRPNIRYFHSSQYINDLANGDICVAIGWAGDVWQASNRAKEAKNGVNVSF
SIPKEGAMAFFDVFAMPADAKNKDEAYQFLNYLLRPDVVAHISDHVFYANANKAATPLVSAEVRENPGIYPPADVRAKLF
TLKVQDPKIDRVRTRAWTKVKSGKLEHHHHHH
;
_entity_poly.pdbx_strand_id   A,B
#
# COMPACT_ATOMS: atom_id res chain seq x y z
N GLN A 3 19.73 29.75 -35.21
CA GLN A 3 19.74 28.55 -34.37
C GLN A 3 18.30 28.20 -34.00
N LYS A 4 17.83 27.05 -34.45
CA LYS A 4 16.41 26.81 -34.38
C LYS A 4 16.05 25.80 -33.29
N THR A 5 14.80 25.80 -32.98
N THR A 5 14.73 25.76 -32.99
CA THR A 5 14.23 24.96 -31.98
CA THR A 5 14.19 25.06 -31.81
C THR A 5 13.32 23.97 -32.68
C THR A 5 12.86 24.37 -32.13
N LEU A 6 12.81 23.06 -31.90
CA LEU A 6 11.72 22.19 -32.31
C LEU A 6 10.93 21.85 -31.07
N HIS A 7 9.61 22.02 -31.14
CA HIS A 7 8.72 21.73 -30.02
C HIS A 7 7.92 20.45 -30.32
N ILE A 8 8.04 19.47 -29.43
CA ILE A 8 7.42 18.17 -29.59
C ILE A 8 6.51 17.89 -28.39
N TYR A 9 5.31 17.39 -28.65
CA TYR A 9 4.35 16.98 -27.61
C TYR A 9 4.03 15.51 -27.82
N ASN A 10 4.48 14.66 -26.89
CA ASN A 10 4.37 13.22 -27.02
C ASN A 10 3.73 12.67 -25.75
N TRP A 11 3.27 11.43 -25.82
CA TRP A 11 2.88 10.72 -24.60
C TRP A 11 4.06 10.68 -23.63
N SER A 12 3.74 10.72 -22.34
CA SER A 12 4.73 10.43 -21.32
C SER A 12 5.20 8.98 -21.46
N ASP A 13 6.40 8.72 -20.94
CA ASP A 13 6.95 7.37 -20.90
C ASP A 13 6.92 6.71 -22.28
N TYR A 14 7.42 7.45 -23.30
CA TYR A 14 7.25 7.00 -24.68
C TYR A 14 8.43 7.39 -25.56
N ILE A 15 9.63 7.43 -24.99
CA ILE A 15 10.85 7.72 -25.72
C ILE A 15 12.00 7.21 -24.87
N ALA A 16 13.14 6.92 -25.48
CA ALA A 16 14.27 6.49 -24.68
C ALA A 16 14.91 7.71 -24.04
N PRO A 17 15.62 7.52 -22.93
CA PRO A 17 16.14 8.69 -22.19
C PRO A 17 17.10 9.56 -22.98
N ASP A 18 17.83 9.01 -23.97
CA ASP A 18 18.80 9.76 -24.73
C ASP A 18 18.38 10.09 -26.16
N THR A 19 17.16 9.75 -26.58
CA THR A 19 16.80 9.96 -27.98
C THR A 19 16.90 11.43 -28.36
N VAL A 20 16.29 12.31 -27.57
CA VAL A 20 16.32 13.73 -27.92
C VAL A 20 17.75 14.26 -27.89
N ALA A 21 18.51 13.93 -26.84
CA ALA A 21 19.87 14.43 -26.76
C ALA A 21 20.69 13.97 -27.97
N ASN A 22 20.52 12.71 -28.37
CA ASN A 22 21.26 12.22 -29.53
C ASN A 22 20.88 13.00 -30.78
N PHE A 23 19.58 13.33 -30.94
CA PHE A 23 19.16 14.09 -32.11
C PHE A 23 19.73 15.49 -32.08
N GLU A 24 19.69 16.13 -30.90
CA GLU A 24 20.29 17.45 -30.74
C GLU A 24 21.77 17.46 -31.09
N LYS A 25 22.50 16.45 -30.62
CA LYS A 25 23.94 16.40 -30.93
C LYS A 25 24.17 16.27 -32.42
N GLU A 26 23.36 15.43 -33.09
CA GLU A 26 23.57 15.22 -34.52
C GLU A 26 23.25 16.47 -35.33
N THR A 27 22.16 17.16 -34.98
CA THR A 27 21.59 18.17 -35.87
C THR A 27 21.83 19.60 -35.45
N GLY A 28 22.19 19.83 -34.19
CA GLY A 28 22.33 21.19 -33.70
C GLY A 28 21.02 21.87 -33.40
N ILE A 29 19.91 21.17 -33.51
CA ILE A 29 18.60 21.72 -33.21
C ILE A 29 18.38 21.57 -31.72
N LYS A 30 17.79 22.59 -31.11
CA LYS A 30 17.37 22.48 -29.71
C LYS A 30 15.93 22.01 -29.67
N VAL A 31 15.65 21.03 -28.81
CA VAL A 31 14.32 20.44 -28.71
C VAL A 31 13.69 20.84 -27.39
N VAL A 32 12.45 21.31 -27.45
CA VAL A 32 11.58 21.48 -26.30
C VAL A 32 10.56 20.34 -26.34
N TYR A 33 10.59 19.48 -25.33
CA TYR A 33 9.85 18.24 -25.30
C TYR A 33 8.87 18.27 -24.13
N ASP A 34 7.59 18.09 -24.41
CA ASP A 34 6.56 18.09 -23.37
C ASP A 34 5.68 16.86 -23.56
N VAL A 35 4.96 16.47 -22.49
CA VAL A 35 4.27 15.18 -22.49
C VAL A 35 2.83 15.29 -22.00
N PHE A 36 1.99 14.35 -22.47
CA PHE A 36 0.60 14.23 -22.07
C PHE A 36 0.30 12.76 -21.81
N ASP A 37 -0.84 12.48 -21.17
CA ASP A 37 -1.27 11.09 -20.96
C ASP A 37 -2.70 10.88 -21.43
N SER A 38 -3.24 11.80 -22.24
CA SER A 38 -4.63 11.76 -22.63
C SER A 38 -4.84 12.22 -24.05
N ASN A 39 -5.52 11.41 -24.85
CA ASN A 39 -5.94 11.85 -26.17
C ASN A 39 -6.90 13.03 -26.10
N GLU A 40 -7.75 13.07 -25.06
CA GLU A 40 -8.69 14.17 -24.93
C GLU A 40 -7.98 15.49 -24.67
N VAL A 41 -6.90 15.46 -23.88
CA VAL A 41 -6.15 16.70 -23.65
C VAL A 41 -5.55 17.21 -24.95
N LEU A 42 -4.90 16.32 -25.71
CA LEU A 42 -4.32 16.75 -26.97
C LEU A 42 -5.40 17.23 -27.95
N GLU A 43 -6.48 16.48 -28.07
CA GLU A 43 -7.53 16.88 -29.00
C GLU A 43 -8.14 18.22 -28.62
N GLY A 44 -8.33 18.47 -27.33
CA GLY A 44 -8.83 19.75 -26.91
C GLY A 44 -7.90 20.90 -27.30
N LYS A 45 -6.60 20.68 -27.14
CA LYS A 45 -5.65 21.71 -27.56
C LYS A 45 -5.69 21.92 -29.08
N LEU A 46 -5.76 20.84 -29.85
CA LEU A 46 -5.78 20.99 -31.30
C LEU A 46 -7.05 21.70 -31.77
N MET A 47 -8.17 21.45 -31.12
CA MET A 47 -9.42 22.07 -31.53
CA MET A 47 -9.42 22.07 -31.53
C MET A 47 -9.59 23.48 -31.00
N ALA A 48 -8.91 23.83 -29.89
CA ALA A 48 -9.09 25.14 -29.27
C ALA A 48 -8.27 26.24 -29.91
N GLY A 49 -7.30 25.89 -30.71
CA GLY A 49 -6.48 26.94 -31.25
C GLY A 49 -5.15 26.34 -31.61
N SER A 50 -4.15 27.19 -31.58
CA SER A 50 -2.81 26.72 -31.90
CA SER A 50 -2.82 26.73 -31.91
C SER A 50 -2.20 26.04 -30.70
N THR A 51 -1.52 24.94 -30.94
CA THR A 51 -0.87 24.26 -29.85
C THR A 51 0.52 24.81 -29.56
N GLY A 52 1.13 25.55 -30.48
CA GLY A 52 2.51 25.93 -30.28
C GLY A 52 3.50 24.79 -30.41
N PHE A 53 3.07 23.65 -30.96
CA PHE A 53 3.94 22.52 -31.19
C PHE A 53 4.17 22.31 -32.69
N ASP A 54 5.34 21.75 -33.00
CA ASP A 54 5.71 21.38 -34.36
C ASP A 54 5.37 19.93 -34.67
N LEU A 55 5.32 19.09 -33.64
CA LEU A 55 4.96 17.69 -33.78
C LEU A 55 4.12 17.29 -32.57
N VAL A 56 3.08 16.49 -32.82
CA VAL A 56 2.22 15.93 -31.78
C VAL A 56 1.96 14.47 -32.10
N VAL A 57 1.47 13.72 -31.10
CA VAL A 57 1.39 12.26 -31.23
C VAL A 57 0.02 11.71 -30.81
N PRO A 58 -1.03 11.96 -31.56
CA PRO A 58 -2.33 11.38 -31.24
C PRO A 58 -2.39 9.87 -31.53
N SER A 59 -3.32 9.20 -30.87
CA SER A 59 -3.69 7.89 -31.39
C SER A 59 -4.41 8.06 -32.72
N ALA A 60 -4.24 7.07 -33.60
CA ALA A 60 -4.75 7.21 -34.97
C ALA A 60 -6.27 7.35 -35.01
N SER A 61 -7.00 6.70 -34.08
CA SER A 61 -8.45 6.83 -34.09
C SER A 61 -8.87 8.27 -33.79
N PHE A 62 -8.08 8.99 -33.01
CA PHE A 62 -8.37 10.40 -32.74
C PHE A 62 -7.92 11.26 -33.91
N LEU A 63 -6.76 10.94 -34.50
CA LEU A 63 -6.33 11.68 -35.68
C LEU A 63 -7.39 11.61 -36.77
N GLU A 64 -8.07 10.47 -36.89
CA GLU A 64 -9.09 10.31 -37.93
C GLU A 64 -10.09 11.45 -37.91
N ARG A 65 -10.59 11.79 -36.72
CA ARG A 65 -11.55 12.91 -36.68
C ARG A 65 -10.86 14.26 -36.71
N GLN A 66 -9.63 14.38 -36.20
CA GLN A 66 -8.91 15.64 -36.26
C GLN A 66 -8.61 16.07 -37.69
N LEU A 67 -8.41 15.12 -38.60
CA LEU A 67 -8.14 15.49 -39.98
C LEU A 67 -9.28 16.31 -40.56
N THR A 68 -10.51 15.98 -40.21
CA THR A 68 -11.63 16.68 -40.83
C THR A 68 -11.75 18.13 -40.35
N ALA A 69 -11.04 18.48 -39.29
CA ALA A 69 -10.96 19.87 -38.83
C ALA A 69 -9.79 20.62 -39.44
N GLY A 70 -8.96 19.97 -40.24
CA GLY A 70 -7.89 20.66 -40.91
C GLY A 70 -6.73 21.01 -40.01
N VAL A 71 -6.56 20.30 -38.90
CA VAL A 71 -5.57 20.72 -37.91
C VAL A 71 -4.14 20.30 -38.26
N PHE A 72 -3.97 19.38 -39.21
CA PHE A 72 -2.67 18.86 -39.57
C PHE A 72 -2.30 19.22 -41.00
N GLN A 73 -1.02 19.20 -41.25
CA GLN A 73 -0.70 19.36 -42.64
C GLN A 73 -0.12 18.07 -43.22
N PRO A 74 -0.32 17.87 -44.51
CA PRO A 74 0.11 16.60 -45.12
C PRO A 74 1.63 16.52 -45.12
N LEU A 75 2.13 15.32 -44.83
CA LEU A 75 3.56 15.08 -44.77
C LEU A 75 4.17 15.02 -46.17
N ASP A 76 5.23 15.80 -46.37
CA ASP A 76 6.00 15.81 -47.61
C ASP A 76 6.97 14.64 -47.52
N LYS A 77 6.63 13.55 -48.20
CA LYS A 77 7.40 12.32 -48.11
C LYS A 77 8.81 12.47 -48.68
N SER A 78 9.04 13.49 -49.52
CA SER A 78 10.38 13.71 -50.05
CA SER A 78 10.38 13.70 -50.05
C SER A 78 11.36 14.12 -48.96
N LYS A 79 10.87 14.62 -47.84
CA LYS A 79 11.69 14.99 -46.69
C LYS A 79 11.77 13.86 -45.68
N LEU A 80 11.22 12.69 -46.01
CA LEU A 80 11.19 11.53 -45.11
C LEU A 80 11.73 10.33 -45.86
N PRO A 81 12.99 10.38 -46.29
CA PRO A 81 13.52 9.23 -47.03
C PRO A 81 13.51 7.96 -46.23
N GLU A 82 13.57 8.02 -44.89
CA GLU A 82 13.55 6.75 -44.16
C GLU A 82 12.12 6.16 -44.04
N TRP A 83 11.10 6.78 -44.67
CA TRP A 83 9.73 6.24 -44.63
C TRP A 83 9.66 4.81 -45.14
N LYS A 84 10.59 4.43 -46.01
CA LYS A 84 10.59 3.09 -46.60
C LYS A 84 10.73 2.00 -45.55
N ASN A 85 11.15 2.35 -44.35
CA ASN A 85 11.37 1.34 -43.33
C ASN A 85 10.08 0.89 -42.64
N LEU A 86 8.98 1.63 -42.80
CA LEU A 86 7.76 1.30 -42.09
C LEU A 86 7.13 0.03 -42.65
N ASP A 87 6.48 -0.72 -41.77
CA ASP A 87 5.83 -1.98 -42.10
C ASP A 87 4.61 -1.72 -42.97
N PRO A 88 4.55 -2.29 -44.18
CA PRO A 88 3.39 -2.04 -45.05
CA PRO A 88 3.39 -2.04 -45.05
C PRO A 88 2.08 -2.48 -44.45
N GLU A 89 2.05 -3.57 -43.69
CA GLU A 89 0.79 -4.04 -43.13
C GLU A 89 0.27 -3.10 -42.05
N LEU A 90 1.16 -2.54 -41.23
CA LEU A 90 0.72 -1.57 -40.25
C LEU A 90 0.27 -0.26 -40.91
N LEU A 91 0.97 0.14 -41.97
CA LEU A 91 0.54 1.34 -42.70
C LEU A 91 -0.88 1.17 -43.24
N LYS A 92 -1.20 0.00 -43.78
CA LYS A 92 -2.55 -0.23 -44.30
C LYS A 92 -3.58 -0.10 -43.20
N LEU A 93 -3.28 -0.64 -42.01
CA LEU A 93 -4.19 -0.50 -40.87
C LEU A 93 -4.35 0.96 -40.46
N VAL A 94 -3.24 1.70 -40.42
CA VAL A 94 -3.36 3.11 -40.01
C VAL A 94 -4.05 3.91 -41.11
N ALA A 95 -3.93 3.48 -42.37
CA ALA A 95 -4.62 4.17 -43.47
C ALA A 95 -6.15 4.13 -43.33
N LYS A 96 -6.70 3.21 -42.53
CA LYS A 96 -8.14 3.23 -42.28
C LYS A 96 -8.55 4.51 -41.57
N HIS A 97 -7.64 5.07 -40.80
CA HIS A 97 -7.83 6.34 -40.11
C HIS A 97 -7.27 7.54 -40.87
N ASP A 98 -6.23 7.32 -41.68
CA ASP A 98 -5.47 8.36 -42.36
C ASP A 98 -5.32 7.89 -43.80
N PRO A 99 -6.33 8.11 -44.62
CA PRO A 99 -6.30 7.60 -46.01
C PRO A 99 -5.01 7.91 -46.75
N ASP A 100 -4.46 6.89 -47.42
CA ASP A 100 -3.22 6.99 -48.19
C ASP A 100 -2.04 7.45 -47.34
N ASN A 101 -2.15 7.35 -46.02
CA ASN A 101 -1.05 7.69 -45.12
C ASN A 101 -0.54 9.09 -45.35
N LYS A 102 -1.46 10.04 -45.57
CA LYS A 102 -1.03 11.37 -45.98
C LYS A 102 -0.55 12.24 -44.82
N PHE A 103 -1.03 12.01 -43.61
CA PHE A 103 -0.77 12.93 -42.49
C PHE A 103 -0.02 12.34 -41.32
N ALA A 104 0.07 11.03 -41.18
CA ALA A 104 0.48 10.42 -39.93
C ALA A 104 1.64 9.46 -40.12
N MET A 105 2.66 9.57 -39.26
CA MET A 105 3.76 8.62 -39.26
CA MET A 105 3.77 8.63 -39.24
C MET A 105 3.53 7.61 -38.14
N PRO A 106 3.28 6.34 -38.43
CA PRO A 106 3.10 5.38 -37.34
C PRO A 106 4.35 5.29 -36.46
N TYR A 107 4.14 5.30 -35.14
CA TYR A 107 5.25 5.33 -34.19
C TYR A 107 5.32 4.03 -33.39
N MET A 108 4.34 3.78 -32.54
CA MET A 108 4.27 2.59 -31.71
C MET A 108 2.82 2.10 -31.74
N TRP A 109 2.62 0.84 -31.39
CA TRP A 109 1.27 0.33 -31.24
C TRP A 109 1.25 -0.68 -30.09
N ALA A 110 0.07 -0.84 -29.49
CA ALA A 110 -0.11 -1.84 -28.44
C ALA A 110 -1.60 -2.04 -28.18
N THR A 111 -1.92 -2.59 -27.03
CA THR A 111 -3.28 -2.97 -26.66
C THR A 111 -3.60 -2.39 -25.28
N THR A 112 -4.91 -2.27 -25.02
CA THR A 112 -5.44 -1.89 -23.71
C THR A 112 -5.92 -3.15 -23.02
N GLY A 113 -5.20 -3.51 -21.95
CA GLY A 113 -5.44 -4.77 -21.26
C GLY A 113 -5.38 -4.56 -19.77
N ILE A 114 -4.95 -5.61 -19.07
CA ILE A 114 -4.95 -5.63 -17.60
C ILE A 114 -3.51 -5.75 -17.13
N GLY A 115 -3.04 -4.77 -16.37
CA GLY A 115 -1.77 -4.88 -15.65
C GLY A 115 -2.04 -5.32 -14.23
N TYR A 116 -1.18 -6.17 -13.70
CA TYR A 116 -1.48 -6.67 -12.35
C TYR A 116 -0.23 -7.14 -11.63
N ASN A 117 -0.30 -7.07 -10.30
CA ASN A 117 0.68 -7.66 -9.41
C ASN A 117 0.37 -9.15 -9.25
N VAL A 118 1.25 -9.99 -9.77
CA VAL A 118 0.97 -11.44 -9.84
C VAL A 118 0.69 -11.99 -8.45
N ASP A 119 1.58 -11.70 -7.49
CA ASP A 119 1.45 -12.30 -6.17
C ASP A 119 0.24 -11.78 -5.43
N LYS A 120 -0.03 -10.47 -5.52
CA LYS A 120 -1.17 -9.90 -4.81
C LYS A 120 -2.50 -10.38 -5.36
N VAL A 121 -2.64 -10.49 -6.67
CA VAL A 121 -3.92 -10.94 -7.23
C VAL A 121 -4.17 -12.41 -6.87
N LYS A 122 -3.13 -13.23 -6.94
CA LYS A 122 -3.29 -14.63 -6.52
C LYS A 122 -3.57 -14.75 -5.04
N ALA A 123 -2.97 -13.87 -4.22
CA ALA A 123 -3.27 -13.87 -2.80
C ALA A 123 -4.73 -13.60 -2.55
N VAL A 124 -5.31 -12.67 -3.29
CA VAL A 124 -6.68 -12.23 -3.05
C VAL A 124 -7.69 -13.18 -3.69
N LEU A 125 -7.50 -13.52 -4.96
CA LEU A 125 -8.50 -14.27 -5.69
C LEU A 125 -8.11 -15.74 -5.84
N GLY A 126 -6.96 -16.11 -5.28
CA GLY A 126 -6.47 -17.48 -5.31
C GLY A 126 -5.54 -17.71 -6.50
N GLU A 127 -4.88 -18.87 -6.44
CA GLU A 127 -3.91 -19.23 -7.47
C GLU A 127 -4.54 -19.21 -8.86
N ASN A 128 -5.81 -19.59 -8.96
CA ASN A 128 -6.54 -19.64 -10.22
C ASN A 128 -7.29 -18.34 -10.53
N ALA A 129 -6.84 -17.22 -9.99
CA ALA A 129 -7.39 -15.92 -10.37
C ALA A 129 -7.48 -15.78 -11.87
N PRO A 130 -8.56 -15.27 -12.40
CA PRO A 130 -8.77 -15.30 -13.87
C PRO A 130 -8.11 -14.12 -14.57
N VAL A 131 -6.77 -14.08 -14.50
CA VAL A 131 -5.99 -12.98 -15.05
C VAL A 131 -5.96 -13.03 -16.58
N ASP A 132 -6.50 -14.09 -17.16
CA ASP A 132 -6.63 -14.20 -18.61
C ASP A 132 -7.95 -13.65 -19.14
N SER A 133 -8.73 -12.97 -18.29
CA SER A 133 -10.10 -12.61 -18.62
C SER A 133 -10.44 -11.25 -18.04
N TRP A 134 -11.25 -10.48 -18.78
CA TRP A 134 -11.78 -9.24 -18.20
C TRP A 134 -12.64 -9.53 -16.97
N ASP A 135 -13.06 -10.78 -16.76
CA ASP A 135 -13.73 -11.14 -15.52
C ASP A 135 -12.97 -10.68 -14.31
N LEU A 136 -11.65 -10.62 -14.39
CA LEU A 136 -10.84 -10.30 -13.22
C LEU A 136 -11.30 -9.00 -12.59
N ILE A 137 -11.70 -8.03 -13.44
CA ILE A 137 -11.99 -6.67 -12.97
C ILE A 137 -13.36 -6.18 -13.36
N LEU A 138 -14.04 -6.86 -14.27
CA LEU A 138 -15.38 -6.44 -14.66
C LEU A 138 -16.48 -7.29 -14.03
N LYS A 139 -16.15 -8.32 -13.23
CA LYS A 139 -17.12 -8.96 -12.37
C LYS A 139 -17.10 -8.27 -11.02
N PRO A 140 -18.20 -7.64 -10.58
CA PRO A 140 -18.16 -6.88 -9.31
C PRO A 140 -17.64 -7.69 -8.13
N GLU A 141 -17.95 -8.97 -8.05
CA GLU A 141 -17.52 -9.79 -6.92
C GLU A 141 -16.00 -9.92 -6.88
N ASN A 142 -15.34 -9.97 -8.05
CA ASN A 142 -13.88 -9.98 -8.05
C ASN A 142 -13.32 -8.62 -7.67
N LEU A 143 -13.85 -7.56 -8.25
CA LEU A 143 -13.31 -6.23 -7.96
C LEU A 143 -13.52 -5.83 -6.50
N GLU A 144 -14.62 -6.24 -5.88
CA GLU A 144 -14.83 -6.00 -4.45
C GLU A 144 -13.69 -6.56 -3.62
N LYS A 145 -13.16 -7.72 -4.02
CA LYS A 145 -12.05 -8.31 -3.28
C LYS A 145 -10.73 -7.60 -3.60
N LEU A 146 -10.50 -7.30 -4.88
CA LEU A 146 -9.26 -6.62 -5.30
C LEU A 146 -9.14 -5.21 -4.76
N LYS A 147 -10.24 -4.60 -4.34
CA LYS A 147 -10.16 -3.32 -3.64
C LYS A 147 -9.15 -3.36 -2.50
N SER A 148 -8.98 -4.53 -1.87
CA SER A 148 -8.08 -4.65 -0.73
C SER A 148 -6.65 -4.25 -1.09
N CYS A 149 -6.25 -4.42 -2.35
CA CYS A 149 -4.90 -4.08 -2.76
CA CYS A 149 -4.91 -4.09 -2.77
C CYS A 149 -4.86 -2.96 -3.80
N GLY A 150 -6.00 -2.47 -4.25
CA GLY A 150 -6.04 -1.25 -5.06
C GLY A 150 -6.23 -1.48 -6.54
N VAL A 151 -7.20 -0.77 -7.10
CA VAL A 151 -7.64 -0.93 -8.49
C VAL A 151 -7.64 0.43 -9.15
N SER A 152 -7.02 0.55 -10.34
CA SER A 152 -7.15 1.77 -11.13
C SER A 152 -7.70 1.43 -12.51
N PHE A 153 -8.48 2.38 -13.05
CA PHE A 153 -8.92 2.36 -14.44
C PHE A 153 -8.28 3.53 -15.16
N LEU A 154 -8.07 3.37 -16.46
CA LEU A 154 -7.61 4.49 -17.26
C LEU A 154 -8.64 5.61 -17.29
N ASP A 155 -8.16 6.86 -17.35
CA ASP A 155 -9.05 7.98 -17.57
C ASP A 155 -9.21 8.21 -19.07
N ALA A 156 -9.85 7.23 -19.71
CA ALA A 156 -9.88 7.14 -21.18
C ALA A 156 -11.27 6.62 -21.54
N PRO A 157 -12.25 7.51 -21.60
CA PRO A 157 -13.63 7.08 -21.77
C PRO A 157 -13.90 6.21 -22.99
N GLU A 158 -13.31 6.52 -24.13
CA GLU A 158 -13.66 5.77 -25.34
C GLU A 158 -13.16 4.34 -25.24
N GLU A 159 -11.95 4.15 -24.72
CA GLU A 159 -11.37 2.82 -24.55
C GLU A 159 -12.13 2.02 -23.48
N VAL A 160 -12.47 2.65 -22.38
CA VAL A 160 -13.16 1.94 -21.30
C VAL A 160 -14.54 1.48 -21.75
N PHE A 161 -15.33 2.38 -22.35
CA PHE A 161 -16.65 1.96 -22.79
C PHE A 161 -16.56 0.88 -23.87
N ALA A 162 -15.62 1.00 -24.81
CA ALA A 162 -15.55 -0.02 -25.84
C ALA A 162 -15.18 -1.37 -25.23
N THR A 163 -14.29 -1.35 -24.24
CA THR A 163 -13.92 -2.57 -23.52
C THR A 163 -15.11 -3.18 -22.79
N VAL A 164 -15.88 -2.35 -22.09
CA VAL A 164 -17.05 -2.85 -21.37
C VAL A 164 -18.07 -3.39 -22.35
N LEU A 165 -18.34 -2.67 -23.45
CA LEU A 165 -19.29 -3.12 -24.44
C LEU A 165 -18.90 -4.49 -25.00
N ASN A 166 -17.62 -4.66 -25.37
CA ASN A 166 -17.16 -5.94 -25.89
C ASN A 166 -17.36 -7.05 -24.87
N TYR A 167 -17.05 -6.76 -23.61
CA TYR A 167 -17.23 -7.73 -22.54
C TYR A 167 -18.69 -8.14 -22.39
N LEU A 168 -19.60 -7.20 -22.60
CA LEU A 168 -21.03 -7.51 -22.51
C LEU A 168 -21.56 -8.17 -23.77
N GLY A 169 -20.72 -8.45 -24.75
CA GLY A 169 -21.17 -9.07 -25.97
C GLY A 169 -21.82 -8.12 -26.96
N LYS A 170 -21.64 -6.82 -26.78
CA LYS A 170 -22.13 -5.82 -27.73
C LYS A 170 -21.00 -5.48 -28.71
N ASP A 171 -21.37 -4.81 -29.81
CA ASP A 171 -20.40 -4.17 -30.69
C ASP A 171 -19.51 -3.23 -29.88
N PRO A 172 -18.18 -3.39 -29.92
CA PRO A 172 -17.33 -2.46 -29.18
C PRO A 172 -17.54 -1.03 -29.57
N ASN A 173 -18.00 -0.81 -30.79
CA ASN A 173 -18.30 0.54 -31.28
C ASN A 173 -19.80 0.73 -31.48
N SER A 174 -20.59 0.15 -30.56
CA SER A 174 -22.04 0.26 -30.65
C SER A 174 -22.50 1.67 -30.96
N THR A 175 -23.49 1.79 -31.83
CA THR A 175 -24.16 3.05 -32.09
C THR A 175 -25.55 3.09 -31.46
N LYS A 176 -25.85 2.17 -30.56
CA LYS A 176 -27.12 2.13 -29.85
C LYS A 176 -26.95 2.86 -28.52
N ALA A 177 -27.62 4.01 -28.37
CA ALA A 177 -27.44 4.82 -27.18
C ALA A 177 -27.77 4.04 -25.91
N ASP A 178 -28.80 3.20 -25.97
CA ASP A 178 -29.23 2.43 -24.81
C ASP A 178 -28.13 1.52 -24.28
N ASP A 179 -27.23 1.04 -25.15
CA ASP A 179 -26.12 0.20 -24.68
C ASP A 179 -25.23 0.97 -23.71
N TYR A 180 -25.04 2.28 -23.95
CA TYR A 180 -24.21 3.10 -23.09
C TYR A 180 -24.92 3.50 -21.80
N THR A 181 -26.15 3.99 -21.93
CA THR A 181 -26.89 4.49 -20.78
C THR A 181 -27.45 3.38 -19.92
N GLY A 182 -27.62 2.19 -20.48
CA GLY A 182 -28.16 1.07 -19.77
C GLY A 182 -27.08 0.13 -19.28
N PRO A 183 -26.83 -0.96 -20.01
CA PRO A 183 -25.96 -2.00 -19.42
C PRO A 183 -24.52 -1.57 -19.17
N ALA A 184 -23.91 -0.74 -20.03
CA ALA A 184 -22.53 -0.34 -19.78
C ALA A 184 -22.43 0.52 -18.52
N THR A 185 -23.34 1.50 -18.37
CA THR A 185 -23.38 2.34 -17.17
C THR A 185 -23.70 1.51 -15.95
N ASP A 186 -24.68 0.63 -16.06
CA ASP A 186 -25.09 -0.16 -14.89
C ASP A 186 -23.90 -0.96 -14.37
N LEU A 187 -23.13 -1.57 -15.27
CA LEU A 187 -21.98 -2.35 -14.83
C LEU A 187 -20.92 -1.44 -14.23
N LEU A 188 -20.58 -0.36 -14.93
CA LEU A 188 -19.55 0.53 -14.40
C LEU A 188 -19.94 1.11 -13.05
N LEU A 189 -21.23 1.38 -12.81
CA LEU A 189 -21.63 1.92 -11.51
C LEU A 189 -21.52 0.86 -10.42
N LYS A 190 -21.68 -0.42 -10.77
CA LYS A 190 -21.45 -1.48 -9.78
C LYS A 190 -19.96 -1.64 -9.47
N LEU A 191 -19.11 -1.36 -10.45
CA LEU A 191 -17.68 -1.45 -10.21
C LEU A 191 -17.13 -0.22 -9.48
N ARG A 192 -17.71 0.95 -9.73
CA ARG A 192 -17.14 2.21 -9.25
C ARG A 192 -16.72 2.23 -7.79
N PRO A 193 -17.52 1.78 -6.85
CA PRO A 193 -17.11 1.92 -5.42
CA PRO A 193 -17.12 1.89 -5.42
C PRO A 193 -15.81 1.21 -5.10
N ASN A 194 -15.33 0.31 -5.97
CA ASN A 194 -14.15 -0.49 -5.75
C ASN A 194 -12.95 -0.01 -6.53
N ILE A 195 -13.08 1.11 -7.24
CA ILE A 195 -12.02 1.64 -8.08
C ILE A 195 -11.36 2.79 -7.33
N ARG A 196 -10.04 2.69 -7.11
CA ARG A 196 -9.36 3.69 -6.30
C ARG A 196 -9.30 5.02 -7.02
N TYR A 197 -8.96 5.00 -8.32
CA TYR A 197 -8.85 6.21 -9.09
C TYR A 197 -8.92 5.89 -10.58
N PHE A 198 -9.26 6.92 -11.35
CA PHE A 198 -9.23 6.91 -12.82
C PHE A 198 -8.03 7.76 -13.21
N HIS A 199 -7.00 7.14 -13.79
CA HIS A 199 -5.81 7.91 -14.17
C HIS A 199 -5.04 7.10 -15.19
N SER A 200 -4.44 7.79 -16.16
CA SER A 200 -3.78 7.13 -17.27
C SER A 200 -2.28 7.16 -17.22
N SER A 201 -1.68 7.60 -16.13
CA SER A 201 -0.23 7.45 -15.98
C SER A 201 0.24 7.10 -14.57
N GLN A 202 -0.48 7.50 -13.51
CA GLN A 202 0.01 7.21 -12.16
CA GLN A 202 -0.02 7.21 -12.15
C GLN A 202 0.07 5.71 -11.91
N TYR A 203 -0.70 4.92 -12.66
CA TYR A 203 -0.74 3.48 -12.43
C TYR A 203 0.58 2.80 -12.72
N ILE A 204 1.45 3.39 -13.54
CA ILE A 204 2.73 2.76 -13.79
C ILE A 204 3.54 2.65 -12.51
N ASN A 205 3.85 3.78 -11.88
CA ASN A 205 4.67 3.67 -10.69
C ASN A 205 3.93 3.00 -9.56
N ASP A 206 2.59 3.15 -9.51
CA ASP A 206 1.86 2.50 -8.43
C ASP A 206 1.90 0.98 -8.59
N LEU A 207 1.81 0.47 -9.81
CA LEU A 207 2.05 -0.96 -10.01
C LEU A 207 3.48 -1.32 -9.62
N ALA A 208 4.45 -0.52 -10.05
CA ALA A 208 5.84 -0.91 -9.84
C ALA A 208 6.22 -0.93 -8.36
N ASN A 209 5.61 -0.05 -7.57
CA ASN A 209 5.93 0.11 -6.14
C ASN A 209 5.06 -0.75 -5.26
N GLY A 210 4.06 -1.42 -5.83
CA GLY A 210 3.16 -2.25 -5.06
C GLY A 210 2.00 -1.52 -4.44
N ASP A 211 1.76 -0.27 -4.83
CA ASP A 211 0.69 0.50 -4.24
C ASP A 211 -0.69 0.17 -4.79
N ILE A 212 -0.79 -0.32 -6.03
CA ILE A 212 -2.04 -0.88 -6.52
C ILE A 212 -1.72 -2.28 -7.01
N CYS A 213 -2.74 -3.13 -7.10
CA CYS A 213 -2.48 -4.50 -7.57
CA CYS A 213 -2.50 -4.50 -7.57
C CYS A 213 -3.10 -4.82 -8.92
N VAL A 214 -4.01 -3.98 -9.44
CA VAL A 214 -4.60 -4.22 -10.77
CA VAL A 214 -4.59 -4.21 -10.76
C VAL A 214 -4.93 -2.88 -11.40
N ALA A 215 -4.75 -2.80 -12.71
CA ALA A 215 -5.03 -1.60 -13.48
C ALA A 215 -5.50 -1.97 -14.88
N ILE A 216 -6.48 -1.24 -15.40
CA ILE A 216 -6.60 -1.18 -16.86
C ILE A 216 -5.43 -0.35 -17.34
N GLY A 217 -4.69 -0.87 -18.30
CA GLY A 217 -3.45 -0.18 -18.68
C GLY A 217 -3.10 -0.47 -20.11
N TRP A 218 -2.22 0.37 -20.62
CA TRP A 218 -1.63 0.16 -21.93
C TRP A 218 -0.40 -0.75 -21.80
N ALA A 219 -0.29 -1.70 -22.72
CA ALA A 219 0.65 -2.81 -22.56
C ALA A 219 2.05 -2.34 -22.15
N GLY A 220 2.66 -1.48 -22.99
CA GLY A 220 4.05 -1.12 -22.74
C GLY A 220 4.24 -0.38 -21.43
N ASP A 221 3.24 0.40 -21.02
CA ASP A 221 3.27 1.04 -19.70
C ASP A 221 3.40 0.00 -18.60
N VAL A 222 2.64 -1.08 -18.70
CA VAL A 222 2.68 -2.12 -17.67
C VAL A 222 4.00 -2.87 -17.71
N TRP A 223 4.50 -3.15 -18.93
CA TRP A 223 5.80 -3.81 -19.01
C TRP A 223 6.91 -2.90 -18.46
N GLN A 224 6.77 -1.59 -18.64
CA GLN A 224 7.69 -0.66 -17.98
C GLN A 224 7.59 -0.78 -16.46
N ALA A 225 6.37 -0.80 -15.93
CA ALA A 225 6.22 -0.97 -14.48
C ALA A 225 6.89 -2.25 -14.01
N SER A 226 6.73 -3.34 -14.77
CA SER A 226 7.38 -4.59 -14.42
C SER A 226 8.88 -4.44 -14.40
N ASN A 227 9.45 -3.76 -15.40
CA ASN A 227 10.89 -3.59 -15.45
C ASN A 227 11.40 -2.69 -14.33
N ARG A 228 10.67 -1.60 -14.03
CA ARG A 228 11.09 -0.71 -12.96
C ARG A 228 11.17 -1.46 -11.65
N ALA A 229 10.18 -2.32 -11.40
CA ALA A 229 10.17 -3.13 -10.19
C ALA A 229 11.35 -4.08 -10.15
N LYS A 230 11.65 -4.73 -11.29
CA LYS A 230 12.79 -5.62 -11.35
C LYS A 230 14.08 -4.87 -11.06
N GLU A 231 14.24 -3.67 -11.63
CA GLU A 231 15.48 -2.91 -11.45
C GLU A 231 15.60 -2.36 -10.03
N ALA A 232 14.48 -2.12 -9.37
CA ALA A 232 14.48 -1.71 -7.96
C ALA A 232 14.77 -2.86 -7.02
N LYS A 233 14.74 -4.10 -7.53
CA LYS A 233 14.92 -5.28 -6.70
C LYS A 233 14.03 -5.20 -5.46
N ASN A 234 12.78 -4.78 -5.68
CA ASN A 234 11.81 -4.59 -4.60
C ASN A 234 10.88 -5.79 -4.44
N GLY A 235 11.09 -6.87 -5.18
CA GLY A 235 10.28 -8.08 -5.07
C GLY A 235 8.93 -8.03 -5.73
N VAL A 236 8.55 -6.92 -6.35
CA VAL A 236 7.22 -6.80 -6.95
C VAL A 236 7.26 -7.44 -8.32
N ASN A 237 6.31 -8.35 -8.59
CA ASN A 237 6.18 -9.04 -9.86
CA ASN A 237 6.19 -9.03 -9.87
C ASN A 237 4.93 -8.52 -10.57
N VAL A 238 5.11 -7.73 -11.62
CA VAL A 238 4.01 -7.19 -12.42
C VAL A 238 3.98 -7.89 -13.76
N SER A 239 2.78 -8.23 -14.22
CA SER A 239 2.61 -8.75 -15.56
C SER A 239 1.42 -8.05 -16.22
N PHE A 240 1.20 -8.38 -17.50
CA PHE A 240 0.17 -7.80 -18.33
C PHE A 240 -0.54 -8.91 -19.09
N SER A 241 -1.85 -8.75 -19.26
CA SER A 241 -2.70 -9.72 -19.94
CA SER A 241 -2.67 -9.72 -19.97
C SER A 241 -3.51 -9.05 -21.03
N ILE A 242 -3.50 -9.65 -22.23
CA ILE A 242 -4.45 -9.33 -23.31
C ILE A 242 -5.59 -10.34 -23.11
N PRO A 243 -6.74 -9.95 -22.56
CA PRO A 243 -7.70 -10.96 -22.12
C PRO A 243 -8.35 -11.72 -23.26
N LYS A 244 -8.89 -12.88 -22.90
CA LYS A 244 -9.36 -13.83 -23.92
CA LYS A 244 -9.39 -13.85 -23.88
C LYS A 244 -10.61 -13.36 -24.64
N GLU A 245 -11.36 -12.42 -24.08
CA GLU A 245 -12.54 -11.89 -24.78
C GLU A 245 -12.16 -10.89 -25.86
N GLY A 246 -10.90 -10.54 -25.99
CA GLY A 246 -10.45 -9.50 -26.90
C GLY A 246 -10.09 -8.23 -26.15
N ALA A 247 -9.49 -7.31 -26.91
CA ALA A 247 -8.99 -6.06 -26.33
C ALA A 247 -8.84 -5.06 -27.47
N MET A 248 -8.86 -3.78 -27.08
CA MET A 248 -8.65 -2.70 -28.03
C MET A 248 -7.17 -2.61 -28.40
N ALA A 249 -6.89 -2.48 -29.69
CA ALA A 249 -5.57 -2.14 -30.16
C ALA A 249 -5.56 -0.66 -30.53
N PHE A 250 -4.40 -0.03 -30.42
CA PHE A 250 -4.25 1.37 -30.84
C PHE A 250 -2.93 1.56 -31.54
N PHE A 251 -2.86 2.59 -32.40
CA PHE A 251 -1.65 2.97 -33.13
C PHE A 251 -1.41 4.45 -32.84
N ASP A 252 -0.31 4.76 -32.16
CA ASP A 252 0.03 6.16 -31.91
C ASP A 252 0.92 6.65 -33.06
N VAL A 253 0.64 7.85 -33.52
CA VAL A 253 1.23 8.35 -34.76
C VAL A 253 1.73 9.78 -34.55
N PHE A 254 2.88 10.11 -35.14
CA PHE A 254 3.33 11.49 -35.19
C PHE A 254 2.57 12.23 -36.29
N ALA A 255 2.21 13.50 -36.02
CA ALA A 255 1.58 14.36 -36.99
C ALA A 255 2.10 15.78 -36.78
N MET A 256 1.96 16.59 -37.82
CA MET A 256 2.50 17.94 -37.85
C MET A 256 1.36 18.94 -37.88
N PRO A 257 1.16 19.72 -36.82
CA PRO A 257 0.13 20.77 -36.89
C PRO A 257 0.29 21.67 -38.10
N ALA A 258 -0.83 22.09 -38.66
CA ALA A 258 -0.81 22.91 -39.86
C ALA A 258 -0.14 24.26 -39.63
N ASP A 259 -0.06 24.72 -38.38
CA ASP A 259 0.60 25.99 -38.08
C ASP A 259 1.98 25.81 -37.45
N ALA A 260 2.61 24.66 -37.64
CA ALA A 260 3.93 24.43 -37.09
C ALA A 260 4.91 25.49 -37.57
N LYS A 261 5.71 26.01 -36.64
CA LYS A 261 6.68 27.06 -36.97
C LYS A 261 7.91 26.48 -37.65
N ASN A 262 8.40 25.34 -37.17
CA ASN A 262 9.70 24.82 -37.56
C ASN A 262 9.50 23.48 -38.28
N LYS A 263 8.99 23.55 -39.51
CA LYS A 263 8.62 22.33 -40.23
C LYS A 263 9.85 21.56 -40.70
N ASP A 264 10.87 22.26 -41.22
CA ASP A 264 12.05 21.55 -41.68
C ASP A 264 12.66 20.74 -40.53
N GLU A 265 12.75 21.34 -39.35
CA GLU A 265 13.29 20.64 -38.19
C GLU A 265 12.41 19.47 -37.78
N ALA A 266 11.08 19.65 -37.89
CA ALA A 266 10.17 18.55 -37.61
C ALA A 266 10.39 17.38 -38.56
N TYR A 267 10.58 17.65 -39.86
CA TYR A 267 10.91 16.57 -40.78
C TYR A 267 12.22 15.90 -40.39
N GLN A 268 13.22 16.70 -39.96
CA GLN A 268 14.46 16.07 -39.54
C GLN A 268 14.24 15.09 -38.40
N PHE A 269 13.40 15.45 -37.43
CA PHE A 269 13.14 14.56 -36.30
C PHE A 269 12.35 13.33 -36.74
N LEU A 270 11.33 13.51 -37.58
CA LEU A 270 10.62 12.34 -38.09
C LEU A 270 11.56 11.39 -38.81
N ASN A 271 12.44 11.93 -39.65
CA ASN A 271 13.32 11.06 -40.39
C ASN A 271 14.30 10.35 -39.47
N TYR A 272 14.67 11.00 -38.36
CA TYR A 272 15.51 10.40 -37.34
C TYR A 272 14.80 9.24 -36.67
N LEU A 273 13.52 9.42 -36.30
CA LEU A 273 12.77 8.36 -35.68
C LEU A 273 12.55 7.19 -36.63
N LEU A 274 12.60 7.43 -37.93
CA LEU A 274 12.48 6.37 -38.92
C LEU A 274 13.75 5.56 -39.10
N ARG A 275 14.86 5.99 -38.52
CA ARG A 275 16.09 5.19 -38.59
CA ARG A 275 16.07 5.19 -38.61
C ARG A 275 15.92 3.93 -37.75
N PRO A 276 16.23 2.74 -38.29
CA PRO A 276 15.95 1.50 -37.53
C PRO A 276 16.57 1.45 -36.16
N ASP A 277 17.82 1.86 -36.02
CA ASP A 277 18.47 1.74 -34.72
C ASP A 277 17.87 2.71 -33.71
N VAL A 278 17.38 3.88 -34.17
CA VAL A 278 16.80 4.85 -33.25
C VAL A 278 15.52 4.32 -32.64
N VAL A 279 14.64 3.80 -33.48
CA VAL A 279 13.33 3.39 -32.97
C VAL A 279 13.42 2.07 -32.22
N ALA A 280 14.33 1.18 -32.65
CA ALA A 280 14.55 -0.06 -31.89
C ALA A 280 15.03 0.26 -30.49
N HIS A 281 15.93 1.24 -30.36
CA HIS A 281 16.39 1.67 -29.04
C HIS A 281 15.24 2.19 -28.20
N ILE A 282 14.29 2.90 -28.81
CA ILE A 282 13.12 3.36 -28.08
C ILE A 282 12.32 2.18 -27.57
N SER A 283 11.99 1.23 -28.46
CA SER A 283 11.20 0.06 -28.07
C SER A 283 11.87 -0.70 -26.94
N ASP A 284 13.21 -0.77 -26.97
CA ASP A 284 13.94 -1.49 -25.92
C ASP A 284 13.68 -0.87 -24.55
N HIS A 285 13.45 0.44 -24.52
CA HIS A 285 13.30 1.16 -23.26
C HIS A 285 11.85 1.31 -22.84
N VAL A 286 10.93 1.44 -23.80
CA VAL A 286 9.54 1.68 -23.45
C VAL A 286 8.66 0.45 -23.55
N PHE A 287 9.18 -0.67 -24.06
CA PHE A 287 8.44 -1.93 -24.10
C PHE A 287 7.18 -1.85 -24.96
N TYR A 288 7.28 -1.08 -26.05
CA TYR A 288 6.24 -1.01 -27.04
C TYR A 288 6.77 -1.49 -28.39
N ALA A 289 5.89 -2.12 -29.17
CA ALA A 289 6.24 -2.47 -30.53
C ALA A 289 6.23 -1.22 -31.40
N ASN A 290 7.28 -1.04 -32.20
CA ASN A 290 7.28 0.09 -33.12
C ASN A 290 6.66 -0.39 -34.43
N ALA A 291 6.48 0.55 -35.36
CA ALA A 291 5.88 0.25 -36.66
C ALA A 291 6.90 0.13 -37.77
N ASN A 292 8.17 -0.08 -37.42
CA ASN A 292 9.28 -0.08 -38.36
C ASN A 292 9.74 -1.52 -38.61
N LYS A 293 9.45 -2.02 -39.82
CA LYS A 293 9.82 -3.40 -40.16
C LYS A 293 11.34 -3.60 -40.18
N ALA A 294 12.07 -2.60 -40.65
CA ALA A 294 13.52 -2.73 -40.66
C ALA A 294 14.11 -2.78 -39.26
N ALA A 295 13.41 -2.20 -38.28
CA ALA A 295 13.93 -2.14 -36.93
C ALA A 295 13.73 -3.43 -36.16
N THR A 296 12.79 -4.28 -36.58
CA THR A 296 12.41 -5.41 -35.73
C THR A 296 13.60 -6.26 -35.31
N PRO A 297 14.52 -6.64 -36.21
CA PRO A 297 15.65 -7.49 -35.80
C PRO A 297 16.56 -6.82 -34.81
N LEU A 298 16.54 -5.50 -34.71
CA LEU A 298 17.43 -4.78 -33.81
C LEU A 298 16.84 -4.64 -32.42
N VAL A 299 15.52 -4.82 -32.28
CA VAL A 299 14.86 -4.75 -30.98
C VAL A 299 15.38 -5.89 -30.11
N SER A 300 15.50 -5.63 -28.82
CA SER A 300 16.02 -6.66 -27.91
C SER A 300 15.13 -7.89 -27.93
N ALA A 301 15.75 -9.07 -27.70
CA ALA A 301 14.94 -10.28 -27.62
C ALA A 301 13.86 -10.17 -26.54
N GLU A 302 14.19 -9.55 -25.40
CA GLU A 302 13.24 -9.41 -24.29
C GLU A 302 11.92 -8.77 -24.74
N VAL A 303 12.02 -7.77 -25.61
CA VAL A 303 10.84 -7.05 -26.07
C VAL A 303 10.22 -7.76 -27.26
N ARG A 304 11.03 -8.10 -28.27
CA ARG A 304 10.54 -8.69 -29.50
C ARG A 304 9.86 -10.03 -29.27
N GLU A 305 10.33 -10.81 -28.30
CA GLU A 305 9.77 -12.12 -28.02
C GLU A 305 8.66 -12.10 -26.98
N ASN A 306 8.20 -10.94 -26.52
CA ASN A 306 7.12 -10.90 -25.53
C ASN A 306 5.81 -10.87 -26.28
N PRO A 307 4.95 -11.89 -26.18
CA PRO A 307 3.69 -11.90 -26.93
C PRO A 307 2.66 -10.88 -26.44
N GLY A 308 2.91 -10.23 -25.31
CA GLY A 308 2.09 -9.10 -24.88
C GLY A 308 2.58 -7.77 -25.41
N ILE A 309 3.61 -7.79 -26.27
CA ILE A 309 4.14 -6.60 -26.95
C ILE A 309 4.02 -6.80 -28.44
N TYR A 310 4.59 -7.90 -28.95
CA TYR A 310 4.49 -8.28 -30.36
C TYR A 310 3.63 -9.55 -30.41
N PRO A 311 2.29 -9.41 -30.34
CA PRO A 311 1.44 -10.60 -30.21
C PRO A 311 1.37 -11.38 -31.53
N PRO A 312 1.13 -12.68 -31.44
CA PRO A 312 1.03 -13.50 -32.66
C PRO A 312 -0.34 -13.34 -33.31
N ALA A 313 -0.49 -13.98 -34.48
CA ALA A 313 -1.63 -13.71 -35.35
C ALA A 313 -2.94 -14.09 -34.69
N ASP A 314 -2.97 -15.18 -33.93
CA ASP A 314 -4.21 -15.61 -33.31
C ASP A 314 -4.67 -14.67 -32.21
N VAL A 315 -3.73 -14.00 -31.53
CA VAL A 315 -4.12 -12.94 -30.59
C VAL A 315 -4.56 -11.70 -31.33
N ARG A 316 -3.78 -11.30 -32.34
CA ARG A 316 -4.15 -10.11 -33.09
C ARG A 316 -5.54 -10.23 -33.67
N ALA A 317 -5.98 -11.46 -33.97
CA ALA A 317 -7.28 -11.67 -34.59
C ALA A 317 -8.43 -11.35 -33.66
N LYS A 318 -8.19 -11.25 -32.36
CA LYS A 318 -9.21 -10.94 -31.39
C LYS A 318 -9.17 -9.48 -30.92
N LEU A 319 -8.32 -8.65 -31.54
CA LEU A 319 -8.24 -7.25 -31.18
C LEU A 319 -9.22 -6.42 -32.02
N PHE A 320 -9.74 -5.37 -31.41
CA PHE A 320 -10.64 -4.44 -32.10
C PHE A 320 -10.07 -3.03 -32.04
N THR A 321 -10.56 -2.16 -32.94
CA THR A 321 -10.13 -0.77 -32.98
C THR A 321 -11.34 0.16 -32.88
N LEU A 322 -11.09 1.37 -32.38
CA LEU A 322 -12.16 2.36 -32.21
C LEU A 322 -12.59 2.98 -33.53
N LYS A 323 -13.88 3.29 -33.60
CA LYS A 323 -14.47 4.05 -34.70
C LYS A 323 -14.98 5.39 -34.21
N VAL A 324 -15.14 6.31 -35.17
CA VAL A 324 -15.72 7.61 -34.90
CA VAL A 324 -15.72 7.61 -34.90
C VAL A 324 -17.21 7.46 -34.64
N GLN A 325 -17.74 8.28 -33.74
CA GLN A 325 -19.14 8.24 -33.37
C GLN A 325 -19.80 9.55 -33.75
N ASP A 326 -21.12 9.57 -33.67
CA ASP A 326 -21.90 10.76 -33.97
C ASP A 326 -22.12 11.58 -32.71
N PRO A 327 -22.68 12.77 -32.87
CA PRO A 327 -22.86 13.64 -31.69
C PRO A 327 -23.66 12.96 -30.59
N LYS A 328 -24.70 12.22 -30.96
CA LYS A 328 -25.55 11.61 -29.94
C LYS A 328 -24.75 10.64 -29.09
N ILE A 329 -24.00 9.73 -29.73
CA ILE A 329 -23.25 8.76 -28.95
C ILE A 329 -22.17 9.43 -28.13
N ASP A 330 -21.46 10.40 -28.73
CA ASP A 330 -20.47 11.17 -27.99
C ASP A 330 -21.11 11.78 -26.75
N ARG A 331 -22.31 12.33 -26.92
CA ARG A 331 -23.03 12.95 -25.81
CA ARG A 331 -23.03 12.95 -25.81
C ARG A 331 -23.34 11.93 -24.73
N VAL A 332 -24.00 10.82 -25.11
CA VAL A 332 -24.45 9.87 -24.10
C VAL A 332 -23.25 9.20 -23.43
N ARG A 333 -22.21 8.90 -24.21
CA ARG A 333 -21.03 8.28 -23.62
C ARG A 333 -20.32 9.21 -22.67
N THR A 334 -20.14 10.47 -23.05
CA THR A 334 -19.43 11.38 -22.17
C THR A 334 -20.24 11.65 -20.89
N ARG A 335 -21.55 11.80 -21.02
CA ARG A 335 -22.36 11.99 -19.83
CA ARG A 335 -22.41 11.97 -19.85
C ARG A 335 -22.28 10.78 -18.92
N ALA A 336 -22.31 9.57 -19.50
CA ALA A 336 -22.24 8.39 -18.66
C ALA A 336 -20.88 8.33 -17.96
N TRP A 337 -19.81 8.66 -18.67
CA TRP A 337 -18.49 8.64 -18.06
C TRP A 337 -18.40 9.59 -16.88
N THR A 338 -18.99 10.79 -17.00
CA THR A 338 -18.96 11.71 -15.87
C THR A 338 -19.65 11.11 -14.64
N LYS A 339 -20.72 10.36 -14.83
CA LYS A 339 -21.41 9.71 -13.71
C LYS A 339 -20.54 8.64 -13.07
N VAL A 340 -19.86 7.85 -13.90
CA VAL A 340 -18.99 6.78 -13.41
C VAL A 340 -17.84 7.35 -12.60
N LYS A 341 -17.20 8.40 -13.09
CA LYS A 341 -16.12 8.98 -12.32
C LYS A 341 -16.59 9.78 -11.12
N SER A 342 -17.90 10.04 -10.99
CA SER A 342 -18.40 10.94 -9.96
C SER A 342 -17.82 10.58 -8.60
N GLY A 343 -17.50 11.61 -7.82
CA GLY A 343 -16.98 11.46 -6.48
C GLY A 343 -15.48 11.55 -6.38
N LYS A 344 -14.77 11.39 -7.49
CA LYS A 344 -13.32 11.56 -7.54
C LYS A 344 -12.61 10.46 -6.78
N GLN B 3 10.71 25.71 42.26
CA GLN B 3 10.03 25.04 41.15
C GLN B 3 10.58 23.65 40.93
N LYS B 4 9.82 22.60 41.24
CA LYS B 4 10.35 21.27 41.06
C LYS B 4 9.89 20.71 39.71
N THR B 5 10.70 19.77 39.18
N THR B 5 10.74 19.89 39.13
CA THR B 5 10.50 19.19 37.84
CA THR B 5 10.35 19.18 37.94
C THR B 5 10.59 17.66 37.90
C THR B 5 10.04 17.74 38.36
N LEU B 6 9.57 16.98 37.39
CA LEU B 6 9.40 15.54 37.53
C LEU B 6 9.65 14.97 36.15
N HIS B 7 10.51 13.95 36.05
CA HIS B 7 10.84 13.32 34.78
C HIS B 7 10.23 11.94 34.69
N ILE B 8 9.45 11.69 33.65
CA ILE B 8 8.68 10.46 33.49
C ILE B 8 9.05 9.84 32.14
N TYR B 9 9.34 8.55 32.15
CA TYR B 9 9.61 7.78 30.91
C TYR B 9 8.57 6.66 30.84
N ASN B 10 7.65 6.75 29.87
CA ASN B 10 6.54 5.81 29.72
C ASN B 10 6.51 5.30 28.30
N TRP B 11 5.74 4.24 28.10
CA TRP B 11 5.46 3.78 26.75
C TRP B 11 4.80 4.90 25.96
N SER B 12 5.06 4.92 24.65
CA SER B 12 4.29 5.77 23.76
C SER B 12 2.82 5.36 23.74
N ASP B 13 1.96 6.33 23.45
CA ASP B 13 0.53 6.07 23.27
C ASP B 13 -0.05 5.40 24.53
N TYR B 14 0.27 5.96 25.71
CA TYR B 14 -0.06 5.26 26.94
C TYR B 14 -0.39 6.23 28.07
N ILE B 15 -0.94 7.39 27.72
CA ILE B 15 -1.46 8.38 28.68
C ILE B 15 -2.52 9.18 27.93
N ALA B 16 -3.43 9.81 28.69
CA ALA B 16 -4.40 10.67 28.05
C ALA B 16 -3.75 12.00 27.65
N PRO B 17 -4.32 12.70 26.65
CA PRO B 17 -3.65 13.91 26.16
C PRO B 17 -3.50 14.98 27.20
N ASP B 18 -4.38 15.01 28.22
CA ASP B 18 -4.38 16.06 29.23
C ASP B 18 -3.92 15.61 30.61
N THR B 19 -3.50 14.36 30.79
CA THR B 19 -3.14 13.89 32.13
C THR B 19 -2.03 14.73 32.75
N VAL B 20 -0.95 14.93 31.99
CA VAL B 20 0.19 15.66 32.53
C VAL B 20 -0.17 17.12 32.77
N ALA B 21 -0.83 17.77 31.81
CA ALA B 21 -1.21 19.17 31.98
C ALA B 21 -2.11 19.36 33.20
N ASN B 22 -3.02 18.41 33.43
CA ASN B 22 -3.90 18.52 34.59
C ASN B 22 -3.12 18.39 35.88
N PHE B 23 -2.21 17.41 35.93
CA PHE B 23 -1.37 17.24 37.11
C PHE B 23 -0.54 18.49 37.35
N GLU B 24 0.05 19.04 36.28
CA GLU B 24 0.85 20.26 36.45
C GLU B 24 0.02 21.39 37.02
N LYS B 25 -1.21 21.54 36.52
CA LYS B 25 -2.02 22.68 36.94
C LYS B 25 -2.37 22.60 38.42
N GLU B 26 -2.64 21.39 38.93
CA GLU B 26 -3.06 21.23 40.32
CA GLU B 26 -3.07 21.25 40.33
C GLU B 26 -1.91 21.15 41.31
N THR B 27 -0.67 20.96 40.83
CA THR B 27 0.45 20.78 41.72
C THR B 27 1.54 21.84 41.62
N GLY B 28 1.61 22.58 40.52
CA GLY B 28 2.72 23.47 40.29
C GLY B 28 4.02 22.78 39.88
N ILE B 29 3.99 21.46 39.72
CA ILE B 29 5.17 20.71 39.25
C ILE B 29 5.28 20.80 37.74
N LYS B 30 6.50 20.95 37.23
CA LYS B 30 6.72 20.91 35.79
C LYS B 30 7.15 19.50 35.42
N VAL B 31 6.52 18.92 34.41
CA VAL B 31 6.79 17.54 34.02
C VAL B 31 7.57 17.50 32.72
N VAL B 32 8.63 16.68 32.70
CA VAL B 32 9.34 16.29 31.50
C VAL B 32 8.92 14.88 31.19
N TYR B 33 8.35 14.66 30.01
CA TYR B 33 7.74 13.39 29.66
C TYR B 33 8.35 12.88 28.37
N ASP B 34 8.87 11.66 28.39
CA ASP B 34 9.43 11.05 27.18
C ASP B 34 8.89 9.64 27.05
N VAL B 35 9.04 9.06 25.86
CA VAL B 35 8.40 7.78 25.57
C VAL B 35 9.34 6.77 24.91
N PHE B 36 9.01 5.49 25.10
CA PHE B 36 9.71 4.37 24.48
C PHE B 36 8.68 3.36 23.98
N ASP B 37 9.13 2.41 23.15
CA ASP B 37 8.25 1.33 22.65
C ASP B 37 8.87 -0.04 22.86
N SER B 38 9.88 -0.16 23.73
CA SER B 38 10.64 -1.38 23.90
C SER B 38 11.07 -1.58 25.34
N ASN B 39 10.72 -2.75 25.92
CA ASN B 39 11.28 -3.12 27.21
C ASN B 39 12.80 -3.20 27.18
N GLU B 40 13.37 -3.63 26.05
CA GLU B 40 14.81 -3.80 25.94
C GLU B 40 15.53 -2.45 26.03
N VAL B 41 14.93 -1.42 25.42
CA VAL B 41 15.57 -0.11 25.46
C VAL B 41 15.58 0.39 26.91
N LEU B 42 14.46 0.25 27.61
CA LEU B 42 14.40 0.69 28.99
C LEU B 42 15.33 -0.13 29.86
N GLU B 43 15.36 -1.44 29.67
CA GLU B 43 16.25 -2.30 30.44
CA GLU B 43 16.24 -2.28 30.45
C GLU B 43 17.70 -1.89 30.24
N GLY B 44 18.10 -1.65 29.00
CA GLY B 44 19.46 -1.23 28.75
C GLY B 44 19.81 0.06 29.48
N LYS B 45 18.89 1.02 29.49
CA LYS B 45 19.20 2.29 30.14
C LYS B 45 19.38 2.08 31.63
N LEU B 46 18.51 1.25 32.22
CA LEU B 46 18.62 0.99 33.65
C LEU B 46 19.91 0.26 33.99
N MET B 47 20.39 -0.62 33.11
CA MET B 47 21.55 -1.42 33.45
C MET B 47 22.87 -0.70 33.19
N ALA B 48 22.84 0.39 32.43
CA ALA B 48 24.08 1.00 31.98
C ALA B 48 24.52 2.20 32.81
N GLY B 49 23.62 2.81 33.55
CA GLY B 49 23.93 4.05 34.24
C GLY B 49 22.63 4.70 34.68
N SER B 50 22.71 6.00 34.92
CA SER B 50 21.51 6.71 35.33
C SER B 50 20.57 6.85 34.15
N THR B 51 19.27 6.74 34.42
CA THR B 51 18.25 6.94 33.41
C THR B 51 17.89 8.42 33.23
N GLY B 52 18.17 9.24 34.24
CA GLY B 52 17.73 10.62 34.24
C GLY B 52 16.25 10.80 34.53
N PHE B 53 15.55 9.75 34.92
CA PHE B 53 14.12 9.83 35.17
C PHE B 53 13.81 9.52 36.62
N ASP B 54 12.68 10.09 37.07
CA ASP B 54 12.14 9.86 38.41
C ASP B 54 11.16 8.70 38.44
N LEU B 55 10.52 8.41 37.31
CA LEU B 55 9.56 7.34 37.16
C LEU B 55 9.75 6.71 35.79
N VAL B 56 9.73 5.38 35.73
CA VAL B 56 9.82 4.61 34.49
C VAL B 56 8.75 3.53 34.53
N VAL B 57 8.44 2.95 33.37
CA VAL B 57 7.28 2.04 33.29
C VAL B 57 7.62 0.71 32.61
N PRO B 58 8.38 -0.17 33.23
CA PRO B 58 8.66 -1.47 32.61
C PRO B 58 7.47 -2.41 32.69
N SER B 59 7.48 -3.44 31.83
CA SER B 59 6.59 -4.55 32.09
C SER B 59 7.09 -5.32 33.30
N ALA B 60 6.17 -5.94 34.04
CA ALA B 60 6.55 -6.61 35.28
C ALA B 60 7.59 -7.71 35.09
N SER B 61 7.51 -8.48 33.98
CA SER B 61 8.48 -9.55 33.81
C SER B 61 9.89 -9.00 33.64
N PHE B 62 10.03 -7.82 33.05
CA PHE B 62 11.34 -7.19 32.94
C PHE B 62 11.76 -6.56 34.26
N LEU B 63 10.79 -6.01 35.00
CA LEU B 63 11.13 -5.49 36.32
C LEU B 63 11.77 -6.56 37.17
N GLU B 64 11.29 -7.80 37.06
CA GLU B 64 11.91 -8.86 37.85
C GLU B 64 13.42 -8.94 37.61
N ARG B 65 13.87 -8.85 36.35
CA ARG B 65 15.31 -8.91 36.11
C ARG B 65 16.03 -7.67 36.62
N GLN B 66 15.39 -6.51 36.48
CA GLN B 66 15.98 -5.25 36.92
C GLN B 66 16.17 -5.19 38.42
N LEU B 67 15.28 -5.82 39.19
CA LEU B 67 15.47 -5.87 40.63
C LEU B 67 16.76 -6.59 41.01
N THR B 68 17.16 -7.62 40.26
CA THR B 68 18.42 -8.28 40.58
C THR B 68 19.59 -7.32 40.52
N ALA B 69 19.46 -6.18 39.83
CA ALA B 69 20.54 -5.20 39.74
C ALA B 69 20.39 -4.05 40.72
N GLY B 70 19.29 -4.00 41.47
CA GLY B 70 19.13 -2.98 42.48
C GLY B 70 18.85 -1.58 41.95
N VAL B 71 18.23 -1.47 40.77
CA VAL B 71 18.08 -0.16 40.13
C VAL B 71 16.88 0.64 40.60
N PHE B 72 16.00 0.06 41.41
CA PHE B 72 14.77 0.71 41.85
C PHE B 72 14.77 0.92 43.36
N GLN B 73 14.13 2.01 43.75
CA GLN B 73 13.88 2.30 45.17
C GLN B 73 12.62 1.58 45.63
N PRO B 74 12.67 0.89 46.78
CA PRO B 74 11.43 0.33 47.31
C PRO B 74 10.44 1.44 47.66
N LEU B 75 9.19 1.21 47.32
CA LEU B 75 8.15 2.23 47.51
C LEU B 75 7.81 2.35 48.99
N ASP B 76 7.72 3.59 49.46
CA ASP B 76 7.27 3.88 50.83
C ASP B 76 5.76 3.92 50.79
N LYS B 77 5.12 2.82 51.23
CA LYS B 77 3.67 2.70 51.13
C LYS B 77 2.96 3.71 52.04
N SER B 78 3.64 4.24 53.05
CA SER B 78 3.04 5.32 53.85
C SER B 78 2.79 6.56 52.99
N LYS B 79 3.46 6.68 51.86
CA LYS B 79 3.31 7.83 50.98
C LYS B 79 2.34 7.56 49.82
N LEU B 80 1.69 6.39 49.81
CA LEU B 80 0.79 5.96 48.72
C LEU B 80 -0.53 5.53 49.37
N PRO B 81 -1.26 6.49 49.94
CA PRO B 81 -2.37 6.10 50.83
C PRO B 81 -3.51 5.35 50.13
N GLU B 82 -3.72 5.56 48.84
CA GLU B 82 -4.80 4.89 48.12
C GLU B 82 -4.33 3.65 47.35
N TRP B 83 -3.21 3.07 47.77
CA TRP B 83 -2.72 1.81 47.19
C TRP B 83 -3.81 0.74 47.16
N LYS B 84 -4.71 0.71 48.17
CA LYS B 84 -5.77 -0.26 48.20
C LYS B 84 -6.79 -0.11 47.10
N ASN B 85 -6.74 0.98 46.29
CA ASN B 85 -7.57 1.00 45.10
C ASN B 85 -7.13 -0.01 44.04
N LEU B 86 -5.88 -0.45 44.08
CA LEU B 86 -5.40 -1.41 43.09
C LEU B 86 -6.05 -2.78 43.27
N ASP B 87 -6.31 -3.44 42.16
CA ASP B 87 -6.93 -4.77 42.15
CA ASP B 87 -6.93 -4.77 42.15
C ASP B 87 -6.01 -5.80 42.80
N PRO B 88 -6.46 -6.50 43.83
CA PRO B 88 -5.57 -7.43 44.54
C PRO B 88 -5.15 -8.61 43.70
N GLU B 89 -6.00 -9.06 42.77
CA GLU B 89 -5.57 -10.14 41.87
C GLU B 89 -4.46 -9.72 40.94
N LEU B 90 -4.52 -8.51 40.37
CA LEU B 90 -3.43 -8.06 39.53
C LEU B 90 -2.17 -7.86 40.36
N LEU B 91 -2.33 -7.38 41.59
CA LEU B 91 -1.15 -7.25 42.45
C LEU B 91 -0.49 -8.60 42.67
N LYS B 92 -1.30 -9.66 42.83
CA LYS B 92 -0.72 -10.97 43.11
C LYS B 92 0.03 -11.49 41.90
N LEU B 93 -0.51 -11.27 40.69
CA LEU B 93 0.19 -11.65 39.48
C LEU B 93 1.50 -10.90 39.36
N VAL B 94 1.47 -9.60 39.63
CA VAL B 94 2.69 -8.82 39.54
C VAL B 94 3.68 -9.27 40.62
N ALA B 95 3.19 -9.73 41.76
CA ALA B 95 4.07 -10.12 42.85
C ALA B 95 4.89 -11.38 42.53
N LYS B 96 4.51 -12.13 41.48
CA LYS B 96 5.38 -13.20 41.01
C LYS B 96 6.73 -12.64 40.58
N HIS B 97 6.73 -11.39 40.12
CA HIS B 97 7.93 -10.72 39.66
C HIS B 97 8.51 -9.76 40.68
N ASP B 98 7.69 -9.28 41.61
CA ASP B 98 8.06 -8.23 42.57
C ASP B 98 7.47 -8.69 43.91
N PRO B 99 8.15 -9.60 44.60
CA PRO B 99 7.56 -10.22 45.80
C PRO B 99 7.01 -9.19 46.79
N ASP B 100 5.77 -9.39 47.24
CA ASP B 100 5.15 -8.51 48.23
C ASP B 100 4.97 -7.10 47.68
N ASN B 101 5.00 -6.93 46.37
CA ASN B 101 4.72 -5.65 45.71
C ASN B 101 5.53 -4.50 46.30
N LYS B 102 6.82 -4.72 46.43
CA LYS B 102 7.67 -3.73 47.10
C LYS B 102 8.08 -2.57 46.21
N PHE B 103 8.22 -2.80 44.90
CA PHE B 103 8.83 -1.83 44.03
C PHE B 103 7.93 -1.24 42.96
N ALA B 104 6.84 -1.91 42.59
CA ALA B 104 6.14 -1.57 41.36
C ALA B 104 4.68 -1.28 41.63
N MET B 105 4.18 -0.23 40.99
CA MET B 105 2.74 0.08 41.03
C MET B 105 2.10 -0.35 39.74
N PRO B 106 1.24 -1.37 39.72
CA PRO B 106 0.56 -1.72 38.46
C PRO B 106 -0.19 -0.54 37.86
N TYR B 107 -0.05 -0.38 36.54
CA TYR B 107 -0.61 0.75 35.81
C TYR B 107 -1.70 0.31 34.84
N MET B 108 -1.34 -0.43 33.79
CA MET B 108 -2.25 -0.93 32.77
C MET B 108 -1.85 -2.36 32.47
N TRP B 109 -2.77 -3.14 31.90
CA TRP B 109 -2.42 -4.50 31.48
C TRP B 109 -3.21 -4.84 30.23
N ALA B 110 -2.67 -5.76 29.42
CA ALA B 110 -3.38 -6.23 28.24
C ALA B 110 -2.77 -7.52 27.74
N THR B 111 -3.02 -7.86 26.48
CA THR B 111 -2.53 -9.08 25.87
C THR B 111 -1.84 -8.78 24.55
N THR B 112 -1.02 -9.74 24.13
CA THR B 112 -0.37 -9.71 22.80
C THR B 112 -1.17 -10.61 21.89
N GLY B 113 -1.83 -10.01 20.90
CA GLY B 113 -2.77 -10.72 20.06
C GLY B 113 -2.60 -10.31 18.61
N ILE B 114 -3.70 -10.38 17.86
CA ILE B 114 -3.70 -10.09 16.42
C ILE B 114 -4.57 -8.87 16.16
N GLY B 115 -3.97 -7.85 15.54
CA GLY B 115 -4.73 -6.72 15.04
C GLY B 115 -4.93 -6.87 13.54
N TYR B 116 -6.11 -6.50 13.04
CA TYR B 116 -6.33 -6.74 11.61
C TYR B 116 -7.37 -5.81 11.00
N ASN B 117 -7.25 -5.65 9.67
CA ASN B 117 -8.20 -4.92 8.87
C ASN B 117 -9.30 -5.92 8.50
N VAL B 118 -10.49 -5.68 9.04
CA VAL B 118 -11.62 -6.60 8.86
C VAL B 118 -11.91 -6.82 7.38
N ASP B 119 -12.04 -5.73 6.63
CA ASP B 119 -12.46 -5.87 5.24
C ASP B 119 -11.38 -6.53 4.39
N LYS B 120 -10.10 -6.20 4.65
CA LYS B 120 -9.05 -6.79 3.83
C LYS B 120 -8.85 -8.27 4.15
N VAL B 121 -8.92 -8.64 5.43
CA VAL B 121 -8.78 -10.06 5.78
C VAL B 121 -9.93 -10.85 5.17
N LYS B 122 -11.13 -10.27 5.14
CA LYS B 122 -12.26 -10.98 4.53
C LYS B 122 -12.09 -11.07 3.01
N ALA B 123 -11.55 -10.02 2.38
CA ALA B 123 -11.29 -10.05 0.95
C ALA B 123 -10.31 -11.16 0.59
N VAL B 124 -9.29 -11.37 1.42
CA VAL B 124 -8.21 -12.32 1.12
C VAL B 124 -8.57 -13.72 1.56
N LEU B 125 -9.05 -13.89 2.78
CA LEU B 125 -9.26 -15.23 3.32
C LEU B 125 -10.72 -15.62 3.44
N GLY B 126 -11.65 -14.75 3.05
CA GLY B 126 -13.05 -15.10 2.99
C GLY B 126 -13.78 -14.77 4.28
N GLU B 127 -15.10 -14.92 4.23
CA GLU B 127 -15.92 -14.61 5.39
C GLU B 127 -15.63 -15.52 6.57
N ASN B 128 -15.10 -16.72 6.32
CA ASN B 128 -14.76 -17.64 7.41
C ASN B 128 -13.28 -17.57 7.80
N ALA B 129 -12.60 -16.47 7.51
CA ALA B 129 -11.20 -16.37 7.90
C ALA B 129 -11.06 -16.68 9.39
N PRO B 130 -10.00 -17.41 9.81
CA PRO B 130 -9.88 -17.84 11.23
C PRO B 130 -9.31 -16.74 12.11
N VAL B 131 -10.04 -15.64 12.24
CA VAL B 131 -9.58 -14.51 13.02
C VAL B 131 -9.59 -14.79 14.51
N ASP B 132 -10.19 -15.90 14.93
CA ASP B 132 -10.19 -16.34 16.32
C ASP B 132 -9.02 -17.24 16.65
N SER B 133 -8.04 -17.35 15.76
CA SER B 133 -6.97 -18.32 15.94
C SER B 133 -5.63 -17.76 15.49
N TRP B 134 -4.58 -18.19 16.18
CA TRP B 134 -3.23 -17.88 15.67
C TRP B 134 -3.00 -18.45 14.28
N ASP B 135 -3.85 -19.38 13.82
CA ASP B 135 -3.70 -19.87 12.45
C ASP B 135 -3.73 -18.72 11.46
N LEU B 136 -4.42 -17.63 11.80
CA LEU B 136 -4.56 -16.52 10.84
C LEU B 136 -3.19 -16.06 10.35
N ILE B 137 -2.22 -15.97 11.26
CA ILE B 137 -0.91 -15.44 10.93
C ILE B 137 0.22 -16.43 11.13
N LEU B 138 0.03 -17.54 11.84
CA LEU B 138 1.15 -18.44 12.06
C LEU B 138 1.09 -19.69 11.19
N LYS B 139 0.06 -19.85 10.37
CA LYS B 139 0.08 -20.83 9.31
C LYS B 139 0.65 -20.18 8.05
N PRO B 140 1.76 -20.68 7.51
CA PRO B 140 2.34 -20.04 6.30
C PRO B 140 1.34 -19.86 5.16
N GLU B 141 0.46 -20.84 4.96
CA GLU B 141 -0.50 -20.73 3.85
C GLU B 141 -1.35 -19.47 4.00
N ASN B 142 -1.70 -19.12 5.23
CA ASN B 142 -2.52 -17.92 5.41
C ASN B 142 -1.65 -16.67 5.32
N LEU B 143 -0.47 -16.70 5.93
CA LEU B 143 0.34 -15.49 5.95
C LEU B 143 0.82 -15.12 4.54
N GLU B 144 1.04 -16.11 3.69
CA GLU B 144 1.43 -15.82 2.31
C GLU B 144 0.35 -15.05 1.57
N LYS B 145 -0.91 -15.29 1.89
CA LYS B 145 -1.98 -14.54 1.26
C LYS B 145 -2.12 -13.15 1.85
N LEU B 146 -2.02 -13.03 3.19
CA LEU B 146 -2.18 -11.71 3.82
C LEU B 146 -1.03 -10.78 3.51
N LYS B 147 0.13 -11.31 3.13
CA LYS B 147 1.21 -10.46 2.64
C LYS B 147 0.73 -9.42 1.62
N SER B 148 -0.27 -9.75 0.81
CA SER B 148 -0.71 -8.84 -0.25
C SER B 148 -1.14 -7.49 0.31
N CYS B 149 -1.66 -7.45 1.54
CA CYS B 149 -2.11 -6.20 2.14
C CYS B 149 -1.24 -5.74 3.31
N GLY B 150 -0.19 -6.47 3.67
CA GLY B 150 0.83 -5.97 4.58
C GLY B 150 0.76 -6.63 5.95
N VAL B 151 1.88 -7.19 6.41
CA VAL B 151 1.98 -7.90 7.69
C VAL B 151 3.07 -7.27 8.53
N SER B 152 2.78 -7.04 9.82
CA SER B 152 3.86 -6.70 10.75
C SER B 152 3.85 -7.61 11.98
N PHE B 153 5.05 -7.78 12.55
CA PHE B 153 5.21 -8.40 13.87
C PHE B 153 5.84 -7.39 14.82
N LEU B 154 5.54 -7.56 16.13
CA LEU B 154 6.23 -6.77 17.14
C LEU B 154 7.73 -7.06 17.12
N ASP B 155 8.52 -6.02 17.43
CA ASP B 155 9.93 -6.19 17.69
C ASP B 155 10.13 -6.52 19.17
N ALA B 156 9.58 -7.66 19.58
CA ALA B 156 9.46 -8.02 21.00
C ALA B 156 9.80 -9.49 21.08
N PRO B 157 11.08 -9.82 21.17
CA PRO B 157 11.50 -11.21 21.02
C PRO B 157 10.90 -12.17 22.04
N GLU B 158 10.81 -11.77 23.30
CA GLU B 158 10.33 -12.71 24.32
C GLU B 158 8.85 -13.04 24.09
N GLU B 159 8.06 -12.03 23.71
CA GLU B 159 6.65 -12.24 23.45
C GLU B 159 6.43 -13.07 22.17
N VAL B 160 7.17 -12.79 21.10
CA VAL B 160 6.97 -13.54 19.86
C VAL B 160 7.36 -15.00 20.05
N PHE B 161 8.52 -15.26 20.67
CA PHE B 161 8.91 -16.65 20.84
C PHE B 161 7.94 -17.39 21.77
N ALA B 162 7.46 -16.74 22.84
CA ALA B 162 6.51 -17.43 23.71
C ALA B 162 5.20 -17.71 22.97
N THR B 163 4.75 -16.78 22.13
CA THR B 163 3.54 -17.02 21.34
C THR B 163 3.72 -18.18 20.38
N VAL B 164 4.86 -18.24 19.69
CA VAL B 164 5.10 -19.33 18.75
C VAL B 164 5.17 -20.65 19.49
N LEU B 165 5.85 -20.68 20.64
CA LEU B 165 6.01 -21.92 21.38
C LEU B 165 4.65 -22.45 21.82
N ASN B 166 3.81 -21.56 22.37
CA ASN B 166 2.46 -21.95 22.76
C ASN B 166 1.69 -22.49 21.57
N TYR B 167 1.80 -21.85 20.42
CA TYR B 167 1.10 -22.31 19.22
C TYR B 167 1.57 -23.70 18.79
N LEU B 168 2.86 -23.98 18.96
CA LEU B 168 3.40 -25.28 18.63
C LEU B 168 3.11 -26.33 19.70
N GLY B 169 2.34 -26.00 20.72
CA GLY B 169 2.06 -26.96 21.77
C GLY B 169 3.19 -27.15 22.75
N LYS B 170 4.13 -26.22 22.81
CA LYS B 170 5.22 -26.26 23.77
C LYS B 170 4.86 -25.39 24.96
N ASP B 171 5.62 -25.54 26.04
CA ASP B 171 5.54 -24.60 27.15
C ASP B 171 5.90 -23.20 26.64
N PRO B 172 5.02 -22.22 26.78
CA PRO B 172 5.34 -20.84 26.33
C PRO B 172 6.66 -20.34 26.90
N ASN B 173 7.03 -20.84 28.07
CA ASN B 173 8.25 -20.43 28.77
C ASN B 173 9.27 -21.56 28.78
N SER B 174 9.32 -22.31 27.68
CA SER B 174 10.18 -23.49 27.62
C SER B 174 11.59 -23.15 28.06
N THR B 175 12.16 -24.05 28.84
CA THR B 175 13.57 -23.97 29.20
C THR B 175 14.43 -24.88 28.34
N LYS B 176 13.91 -25.41 27.23
CA LYS B 176 14.67 -26.31 26.37
C LYS B 176 15.19 -25.52 25.17
N ALA B 177 16.52 -25.39 25.07
CA ALA B 177 17.10 -24.55 24.03
C ALA B 177 16.68 -25.03 22.64
N ASP B 178 16.64 -26.35 22.42
CA ASP B 178 16.29 -26.87 21.12
C ASP B 178 14.89 -26.42 20.67
N ASP B 179 14.01 -26.10 21.62
CA ASP B 179 12.70 -25.56 21.26
C ASP B 179 12.84 -24.23 20.52
N TYR B 180 13.80 -23.39 20.93
CA TYR B 180 14.02 -22.09 20.30
C TYR B 180 14.75 -22.22 18.97
N THR B 181 15.83 -22.97 18.94
CA THR B 181 16.66 -23.08 17.75
C THR B 181 16.06 -24.02 16.71
N GLY B 182 15.22 -24.96 17.12
CA GLY B 182 14.61 -25.88 16.19
C GLY B 182 13.25 -25.44 15.74
N PRO B 183 12.22 -26.01 16.34
CA PRO B 183 10.86 -25.80 15.82
C PRO B 183 10.38 -24.35 15.83
N ALA B 184 10.71 -23.55 16.85
CA ALA B 184 10.26 -22.15 16.85
C ALA B 184 10.93 -21.36 15.72
N THR B 185 12.25 -21.53 15.59
CA THR B 185 12.97 -20.85 14.51
C THR B 185 12.48 -21.33 13.15
N ASP B 186 12.25 -22.64 13.02
CA ASP B 186 11.78 -23.21 11.75
C ASP B 186 10.50 -22.52 11.30
N LEU B 187 9.52 -22.39 12.19
CA LEU B 187 8.27 -21.75 11.82
C LEU B 187 8.48 -20.28 11.50
N LEU B 188 9.20 -19.56 12.37
CA LEU B 188 9.42 -18.13 12.13
C LEU B 188 10.11 -17.88 10.79
N LEU B 189 11.00 -18.77 10.36
CA LEU B 189 11.66 -18.58 9.08
C LEU B 189 10.75 -18.90 7.91
N LYS B 190 9.84 -19.88 8.06
CA LYS B 190 8.84 -20.11 7.02
C LYS B 190 7.94 -18.88 6.87
N LEU B 191 7.66 -18.18 7.98
CA LEU B 191 6.79 -17.01 7.93
C LEU B 191 7.53 -15.76 7.48
N ARG B 192 8.82 -15.68 7.76
CA ARG B 192 9.60 -14.45 7.58
C ARG B 192 9.44 -13.78 6.22
N PRO B 193 9.39 -14.50 5.10
CA PRO B 193 9.32 -13.80 3.80
C PRO B 193 8.06 -12.96 3.64
N ASN B 194 7.01 -13.24 4.43
CA ASN B 194 5.72 -12.59 4.33
C ASN B 194 5.58 -11.39 5.25
N ILE B 195 6.59 -11.12 6.06
CA ILE B 195 6.53 -10.09 7.09
C ILE B 195 7.16 -8.81 6.54
N ARG B 196 6.39 -7.74 6.47
CA ARG B 196 6.92 -6.48 5.94
C ARG B 196 7.97 -5.88 6.87
N TYR B 197 7.70 -5.89 8.17
CA TYR B 197 8.63 -5.32 9.14
C TYR B 197 8.35 -5.87 10.53
N PHE B 198 9.38 -5.80 11.38
CA PHE B 198 9.26 -5.99 12.82
C PHE B 198 9.32 -4.61 13.45
N HIS B 199 8.25 -4.19 14.12
CA HIS B 199 8.27 -2.88 14.76
C HIS B 199 7.17 -2.88 15.82
N SER B 200 7.42 -2.21 16.95
CA SER B 200 6.49 -2.23 18.06
C SER B 200 5.66 -0.97 18.22
N SER B 201 5.72 -0.04 17.25
CA SER B 201 4.80 1.10 17.29
C SER B 201 4.31 1.60 15.93
N GLN B 202 5.07 1.40 14.86
CA GLN B 202 4.62 1.88 13.55
CA GLN B 202 4.63 1.87 13.55
C GLN B 202 3.34 1.18 13.10
N TYR B 203 3.05 0.01 13.64
CA TYR B 203 1.90 -0.75 13.18
C TYR B 203 0.60 -0.10 13.56
N ILE B 204 0.60 0.82 14.53
CA ILE B 204 -0.66 1.46 14.94
C ILE B 204 -1.19 2.33 13.80
N ASN B 205 -0.39 3.33 13.37
CA ASN B 205 -0.88 4.17 12.30
C ASN B 205 -0.97 3.42 10.98
N ASP B 206 -0.11 2.43 10.76
CA ASP B 206 -0.23 1.63 9.54
C ASP B 206 -1.55 0.86 9.50
N LEU B 207 -1.99 0.29 10.63
CA LEU B 207 -3.32 -0.32 10.65
C LEU B 207 -4.39 0.75 10.42
N ALA B 208 -4.28 1.88 11.12
CA ALA B 208 -5.32 2.90 11.05
C ALA B 208 -5.50 3.45 9.64
N ASN B 209 -4.44 3.58 8.86
CA ASN B 209 -4.43 4.17 7.52
CA ASN B 209 -4.59 4.17 7.54
C ASN B 209 -4.62 3.13 6.41
N GLY B 210 -4.70 1.85 6.74
CA GLY B 210 -4.88 0.81 5.75
C GLY B 210 -3.62 0.35 5.10
N ASP B 211 -2.47 0.71 5.65
CA ASP B 211 -1.20 0.38 5.02
C ASP B 211 -0.75 -1.03 5.35
N ILE B 212 -1.13 -1.58 6.50
CA ILE B 212 -1.00 -3.01 6.73
C ILE B 212 -2.37 -3.55 7.11
N CYS B 213 -2.55 -4.85 6.91
CA CYS B 213 -3.82 -5.47 7.19
C CYS B 213 -3.79 -6.50 8.32
N VAL B 214 -2.61 -6.90 8.80
CA VAL B 214 -2.52 -7.80 9.95
C VAL B 214 -1.21 -7.52 10.69
N ALA B 215 -1.29 -7.58 12.03
CA ALA B 215 -0.14 -7.35 12.88
C ALA B 215 -0.25 -8.21 14.12
N ILE B 216 0.89 -8.73 14.60
CA ILE B 216 0.98 -9.04 16.02
C ILE B 216 1.08 -7.72 16.75
N GLY B 217 0.19 -7.51 17.71
CA GLY B 217 0.16 -6.23 18.40
C GLY B 217 -0.36 -6.35 19.81
N TRP B 218 -0.13 -5.25 20.55
CA TRP B 218 -0.67 -5.12 21.88
C TRP B 218 -2.09 -4.57 21.80
N ALA B 219 -2.98 -5.17 22.58
CA ALA B 219 -4.41 -4.95 22.39
C ALA B 219 -4.78 -3.48 22.29
N GLY B 220 -4.48 -2.69 23.34
CA GLY B 220 -4.91 -1.30 23.32
C GLY B 220 -4.33 -0.48 22.19
N ASP B 221 -3.12 -0.81 21.75
CA ASP B 221 -2.55 -0.18 20.57
C ASP B 221 -3.45 -0.38 19.34
N VAL B 222 -3.92 -1.61 19.15
CA VAL B 222 -4.79 -1.92 18.02
C VAL B 222 -6.13 -1.24 18.17
N TRP B 223 -6.67 -1.21 19.39
CA TRP B 223 -7.93 -0.50 19.59
C TRP B 223 -7.76 0.99 19.32
N GLN B 224 -6.60 1.56 19.67
CA GLN B 224 -6.34 2.95 19.29
C GLN B 224 -6.31 3.13 17.79
N ALA B 225 -5.65 2.20 17.08
CA ALA B 225 -5.66 2.25 15.62
C ALA B 225 -7.09 2.22 15.08
N SER B 226 -7.94 1.37 15.66
CA SER B 226 -9.32 1.30 15.22
C SER B 226 -10.04 2.62 15.44
N ASN B 227 -9.81 3.25 16.59
CA ASN B 227 -10.47 4.51 16.90
C ASN B 227 -9.96 5.65 16.03
N ARG B 228 -8.65 5.67 15.74
CA ARG B 228 -8.10 6.70 14.87
C ARG B 228 -8.70 6.63 13.47
N ALA B 229 -8.93 5.41 12.98
CA ALA B 229 -9.53 5.25 11.65
C ALA B 229 -10.98 5.73 11.65
N LYS B 230 -11.70 5.46 12.75
CA LYS B 230 -13.07 5.93 12.82
C LYS B 230 -13.12 7.45 12.88
N GLU B 231 -12.21 8.07 13.63
CA GLU B 231 -12.20 9.53 13.71
C GLU B 231 -11.80 10.15 12.38
N ALA B 232 -10.92 9.49 11.63
CA ALA B 232 -10.51 9.99 10.31
C ALA B 232 -11.63 9.83 9.29
N LYS B 233 -12.63 9.00 9.57
CA LYS B 233 -13.73 8.75 8.64
C LYS B 233 -13.18 8.23 7.32
N ASN B 234 -12.14 7.40 7.41
CA ASN B 234 -11.45 6.90 6.23
C ASN B 234 -11.96 5.53 5.77
N GLY B 235 -13.00 5.01 6.39
CA GLY B 235 -13.57 3.73 6.00
C GLY B 235 -12.80 2.50 6.44
N VAL B 236 -11.69 2.68 7.15
CA VAL B 236 -10.88 1.53 7.58
C VAL B 236 -11.47 0.94 8.85
N ASN B 237 -11.71 -0.38 8.84
CA ASN B 237 -12.27 -1.09 9.98
C ASN B 237 -11.22 -2.03 10.55
N VAL B 238 -10.70 -1.68 11.72
CA VAL B 238 -9.65 -2.44 12.38
C VAL B 238 -10.27 -3.13 13.59
N SER B 239 -9.89 -4.39 13.79
CA SER B 239 -10.31 -5.13 14.98
C SER B 239 -9.12 -5.85 15.61
N PHE B 240 -9.35 -6.51 16.74
CA PHE B 240 -8.30 -7.17 17.49
C PHE B 240 -8.85 -8.50 17.99
N SER B 241 -7.99 -9.52 18.04
CA SER B 241 -8.39 -10.86 18.49
CA SER B 241 -8.40 -10.85 18.51
C SER B 241 -7.43 -11.38 19.55
N ILE B 242 -7.98 -11.88 20.66
CA ILE B 242 -7.22 -12.69 21.62
C ILE B 242 -7.50 -14.13 21.18
N PRO B 243 -6.54 -14.81 20.53
CA PRO B 243 -6.89 -16.09 19.87
C PRO B 243 -7.23 -17.21 20.83
N LYS B 244 -7.95 -18.20 20.28
CA LYS B 244 -8.51 -19.29 21.07
C LYS B 244 -7.45 -20.19 21.69
N GLU B 245 -6.25 -20.21 21.13
CA GLU B 245 -5.17 -21.02 21.68
C GLU B 245 -4.53 -20.36 22.90
N GLY B 246 -4.95 -19.16 23.28
CA GLY B 246 -4.32 -18.42 24.36
C GLY B 246 -3.40 -17.34 23.82
N ALA B 247 -2.90 -16.52 24.73
CA ALA B 247 -2.08 -15.37 24.37
C ALA B 247 -1.31 -14.96 25.62
N MET B 248 -0.24 -14.20 25.41
CA MET B 248 0.52 -13.65 26.55
CA MET B 248 0.50 -13.65 26.55
C MET B 248 -0.21 -12.44 27.13
N ALA B 249 -0.31 -12.40 28.45
CA ALA B 249 -0.74 -11.21 29.18
C ALA B 249 0.50 -10.51 29.73
N PHE B 250 0.43 -9.19 29.80
CA PHE B 250 1.50 -8.38 30.38
C PHE B 250 0.90 -7.34 31.30
N PHE B 251 1.72 -6.91 32.26
CA PHE B 251 1.33 -5.93 33.29
C PHE B 251 2.40 -4.87 33.31
N ASP B 252 2.08 -3.66 32.85
CA ASP B 252 3.04 -2.56 32.89
C ASP B 252 2.89 -1.84 34.22
N VAL B 253 4.03 -1.48 34.80
CA VAL B 253 4.08 -1.02 36.18
C VAL B 253 4.94 0.22 36.25
N PHE B 254 4.53 1.20 37.09
CA PHE B 254 5.40 2.31 37.43
C PHE B 254 6.42 1.87 38.48
N ALA B 255 7.65 2.33 38.33
CA ALA B 255 8.73 2.08 39.27
C ALA B 255 9.60 3.33 39.35
N MET B 256 10.34 3.45 40.45
CA MET B 256 11.07 4.66 40.81
C MET B 256 12.55 4.33 40.82
N PRO B 257 13.31 4.80 39.83
CA PRO B 257 14.76 4.57 39.86
C PRO B 257 15.35 4.98 41.21
N ALA B 258 16.30 4.16 41.68
CA ALA B 258 16.90 4.42 42.98
C ALA B 258 17.57 5.78 43.04
N ASP B 259 18.13 6.27 41.93
CA ASP B 259 18.79 7.56 41.94
C ASP B 259 17.86 8.71 41.54
N ALA B 260 16.55 8.51 41.57
CA ALA B 260 15.64 9.58 41.16
C ALA B 260 15.89 10.83 42.00
N LYS B 261 15.98 11.97 41.31
CA LYS B 261 16.27 13.23 41.98
C LYS B 261 15.06 13.73 42.76
N ASN B 262 13.86 13.56 42.24
CA ASN B 262 12.66 14.21 42.76
C ASN B 262 11.63 13.15 43.18
N LYS B 263 11.98 12.43 44.25
CA LYS B 263 11.10 11.36 44.69
C LYS B 263 9.81 11.90 45.28
N ASP B 264 9.85 13.05 45.98
CA ASP B 264 8.59 13.57 46.52
C ASP B 264 7.59 13.82 45.41
N GLU B 265 8.04 14.44 44.31
CA GLU B 265 7.15 14.71 43.19
C GLU B 265 6.72 13.43 42.49
N ALA B 266 7.60 12.44 42.47
CA ALA B 266 7.24 11.15 41.91
C ALA B 266 6.11 10.49 42.70
N TYR B 267 6.18 10.57 44.03
CA TYR B 267 5.06 10.04 44.82
C TYR B 267 3.77 10.81 44.54
N GLN B 268 3.87 12.13 44.39
CA GLN B 268 2.67 12.87 44.07
C GLN B 268 2.05 12.38 42.77
N PHE B 269 2.87 12.11 41.75
CA PHE B 269 2.31 11.63 40.50
C PHE B 269 1.71 10.22 40.65
N LEU B 270 2.39 9.33 41.39
CA LEU B 270 1.80 8.02 41.63
C LEU B 270 0.44 8.13 42.34
N ASN B 271 0.34 9.00 43.34
CA ASN B 271 -0.93 9.21 44.04
C ASN B 271 -1.99 9.79 43.11
N TYR B 272 -1.57 10.62 42.16
CA TYR B 272 -2.50 11.14 41.16
C TYR B 272 -3.04 10.00 40.31
N LEU B 273 -2.14 9.09 39.86
CA LEU B 273 -2.59 7.95 39.07
C LEU B 273 -3.47 7.00 39.87
N LEU B 274 -3.32 6.95 41.19
CA LEU B 274 -4.15 6.06 41.99
C LEU B 274 -5.57 6.59 42.17
N ARG B 275 -5.80 7.87 41.85
CA ARG B 275 -7.14 8.44 41.95
C ARG B 275 -8.01 7.82 40.84
N PRO B 276 -9.16 7.27 41.18
CA PRO B 276 -9.92 6.49 40.18
C PRO B 276 -10.28 7.27 38.93
N ASP B 277 -10.61 8.55 39.07
CA ASP B 277 -10.98 9.35 37.90
CA ASP B 277 -10.98 9.33 37.89
C ASP B 277 -9.80 9.52 36.94
N VAL B 278 -8.59 9.69 37.45
CA VAL B 278 -7.42 9.96 36.61
C VAL B 278 -7.13 8.75 35.72
N VAL B 279 -7.07 7.56 36.32
CA VAL B 279 -6.68 6.39 35.58
C VAL B 279 -7.82 5.88 34.69
N ALA B 280 -9.07 6.06 35.09
CA ALA B 280 -10.18 5.74 34.21
C ALA B 280 -10.17 6.61 32.96
N HIS B 281 -9.84 7.89 33.12
CA HIS B 281 -9.75 8.78 31.97
C HIS B 281 -8.63 8.35 31.04
N ILE B 282 -7.50 7.90 31.59
CA ILE B 282 -6.43 7.35 30.73
C ILE B 282 -6.95 6.16 29.93
N SER B 283 -7.58 5.20 30.61
CA SER B 283 -8.12 4.03 29.90
C SER B 283 -9.06 4.43 28.78
N ASP B 284 -9.89 5.47 29.02
CA ASP B 284 -10.87 5.89 28.01
C ASP B 284 -10.17 6.33 26.72
N HIS B 285 -8.95 6.86 26.85
CA HIS B 285 -8.22 7.38 25.70
C HIS B 285 -7.28 6.37 25.08
N VAL B 286 -6.69 5.47 25.88
CA VAL B 286 -5.68 4.56 25.34
C VAL B 286 -6.20 3.17 25.09
N PHE B 287 -7.44 2.86 25.48
CA PHE B 287 -8.06 1.56 25.21
C PHE B 287 -7.34 0.40 25.89
N TYR B 288 -6.79 0.66 27.09
CA TYR B 288 -6.17 -0.38 27.92
C TYR B 288 -6.91 -0.46 29.25
N ALA B 289 -7.05 -1.67 29.77
CA ALA B 289 -7.52 -1.88 31.12
C ALA B 289 -6.48 -1.34 32.11
N ASN B 290 -6.93 -0.55 33.05
CA ASN B 290 -6.06 -0.15 34.14
C ASN B 290 -6.11 -1.21 35.25
N ALA B 291 -5.22 -1.06 36.24
CA ALA B 291 -5.08 -2.03 37.31
C ALA B 291 -5.80 -1.60 38.60
N ASN B 292 -6.70 -0.61 38.50
CA ASN B 292 -7.34 0.04 39.63
C ASN B 292 -8.79 -0.42 39.69
N LYS B 293 -9.08 -1.26 40.68
CA LYS B 293 -10.43 -1.77 40.84
C LYS B 293 -11.42 -0.65 41.19
N ALA B 294 -10.98 0.39 41.90
CA ALA B 294 -11.87 1.52 42.20
C ALA B 294 -12.24 2.34 40.95
N ALA B 295 -11.46 2.25 39.88
CA ALA B 295 -11.64 3.04 38.67
C ALA B 295 -12.62 2.39 37.69
N THR B 296 -12.83 1.09 37.78
CA THR B 296 -13.63 0.40 36.78
C THR B 296 -14.99 1.03 36.53
N PRO B 297 -15.77 1.42 37.54
CA PRO B 297 -17.08 2.02 37.23
C PRO B 297 -17.01 3.29 36.41
N LEU B 298 -15.87 3.98 36.38
CA LEU B 298 -15.75 5.23 35.67
C LEU B 298 -15.27 5.03 34.24
N VAL B 299 -14.78 3.85 33.91
CA VAL B 299 -14.29 3.60 32.55
C VAL B 299 -15.47 3.59 31.60
N SER B 300 -15.26 4.18 30.41
CA SER B 300 -16.33 4.26 29.43
C SER B 300 -16.83 2.87 29.08
N ALA B 301 -18.12 2.78 28.78
CA ALA B 301 -18.70 1.51 28.36
C ALA B 301 -17.95 0.94 27.16
N GLU B 302 -17.59 1.80 26.21
CA GLU B 302 -16.91 1.35 25.01
C GLU B 302 -15.63 0.58 25.34
N VAL B 303 -14.87 1.03 26.33
CA VAL B 303 -13.64 0.36 26.72
C VAL B 303 -13.93 -0.78 27.70
N ARG B 304 -14.69 -0.52 28.75
CA ARG B 304 -14.86 -1.51 29.80
CA ARG B 304 -14.87 -1.51 29.80
C ARG B 304 -15.57 -2.75 29.30
N GLU B 305 -16.49 -2.62 28.34
CA GLU B 305 -17.28 -3.73 27.83
C GLU B 305 -16.64 -4.42 26.64
N ASN B 306 -15.42 -4.05 26.26
CA ASN B 306 -14.75 -4.63 25.10
C ASN B 306 -14.01 -5.88 25.57
N PRO B 307 -14.42 -7.08 25.16
CA PRO B 307 -13.77 -8.29 25.67
C PRO B 307 -12.34 -8.47 25.20
N GLY B 308 -11.87 -7.63 24.27
CA GLY B 308 -10.47 -7.57 23.90
C GLY B 308 -9.64 -6.62 24.71
N ILE B 309 -10.26 -5.95 25.68
CA ILE B 309 -9.59 -5.03 26.59
C ILE B 309 -9.71 -5.52 28.03
N TYR B 310 -10.95 -5.83 28.46
CA TYR B 310 -11.27 -6.38 29.76
C TYR B 310 -11.84 -7.77 29.45
N PRO B 311 -10.98 -8.77 29.26
CA PRO B 311 -11.47 -10.05 28.74
C PRO B 311 -12.23 -10.84 29.77
N PRO B 312 -13.16 -11.70 29.35
CA PRO B 312 -13.95 -12.49 30.29
C PRO B 312 -13.11 -13.62 30.88
N ALA B 313 -13.69 -14.27 31.90
CA ALA B 313 -12.92 -15.24 32.68
C ALA B 313 -12.45 -16.43 31.86
N ASP B 314 -13.27 -16.92 30.94
CA ASP B 314 -12.87 -18.06 30.12
C ASP B 314 -11.68 -17.71 29.21
N VAL B 315 -11.57 -16.45 28.80
CA VAL B 315 -10.42 -16.02 28.02
C VAL B 315 -9.21 -15.83 28.92
N ARG B 316 -9.40 -15.21 30.07
CA ARG B 316 -8.28 -15.03 30.99
C ARG B 316 -7.65 -16.37 31.36
N ALA B 317 -8.45 -17.44 31.43
CA ALA B 317 -7.93 -18.73 31.83
C ALA B 317 -6.94 -19.29 30.82
N LYS B 318 -6.94 -18.76 29.60
CA LYS B 318 -6.06 -19.23 28.54
C LYS B 318 -4.84 -18.35 28.37
N LEU B 319 -4.72 -17.31 29.17
CA LEU B 319 -3.58 -16.40 29.06
C LEU B 319 -2.41 -16.97 29.84
N PHE B 320 -1.20 -16.68 29.37
CA PHE B 320 0.04 -17.06 30.02
C PHE B 320 0.85 -15.78 30.22
N THR B 321 1.83 -15.86 31.11
CA THR B 321 2.69 -14.73 31.38
C THR B 321 4.13 -15.16 31.19
N LEU B 322 4.98 -14.19 30.94
CA LEU B 322 6.39 -14.48 30.72
C LEU B 322 7.09 -14.79 32.04
N LYS B 323 7.99 -15.77 31.98
CA LYS B 323 8.92 -16.04 33.07
C LYS B 323 10.32 -15.62 32.64
N VAL B 324 11.10 -15.17 33.62
CA VAL B 324 12.51 -14.87 33.42
C VAL B 324 13.30 -16.17 33.20
N GLN B 325 14.21 -16.13 32.24
CA GLN B 325 15.01 -17.29 31.86
C GLN B 325 16.45 -17.14 32.35
N ASP B 326 17.12 -18.28 32.45
CA ASP B 326 18.55 -18.31 32.72
C ASP B 326 19.33 -17.78 31.51
N PRO B 327 20.59 -17.41 31.73
CA PRO B 327 21.38 -16.83 30.63
C PRO B 327 21.45 -17.73 29.41
N LYS B 328 21.58 -19.05 29.59
CA LYS B 328 21.67 -19.92 28.44
C LYS B 328 20.49 -19.68 27.50
N ILE B 329 19.28 -19.70 28.03
CA ILE B 329 18.11 -19.50 27.18
C ILE B 329 18.06 -18.08 26.65
N ASP B 330 18.43 -17.09 27.47
CA ASP B 330 18.47 -15.72 26.98
C ASP B 330 19.35 -15.60 25.75
N ARG B 331 20.54 -16.19 25.81
CA ARG B 331 21.46 -16.13 24.68
C ARG B 331 20.85 -16.77 23.45
N VAL B 332 20.39 -18.01 23.63
CA VAL B 332 19.84 -18.79 22.53
C VAL B 332 18.69 -18.04 21.89
N ARG B 333 17.76 -17.55 22.71
CA ARG B 333 16.62 -16.82 22.19
C ARG B 333 17.06 -15.56 21.46
N THR B 334 17.97 -14.79 22.05
CA THR B 334 18.40 -13.55 21.40
C THR B 334 19.09 -13.83 20.07
N ARG B 335 20.00 -14.80 20.05
CA ARG B 335 20.62 -15.21 18.78
C ARG B 335 19.57 -15.63 17.75
N ALA B 336 18.57 -16.42 18.19
CA ALA B 336 17.60 -16.91 17.23
C ALA B 336 16.76 -15.78 16.67
N TRP B 337 16.37 -14.85 17.53
CA TRP B 337 15.61 -13.67 17.10
C TRP B 337 16.37 -12.88 16.06
N THR B 338 17.65 -12.62 16.30
CA THR B 338 18.43 -11.90 15.29
C THR B 338 18.43 -12.63 13.96
N LYS B 339 18.60 -13.96 14.00
CA LYS B 339 18.57 -14.74 12.76
C LYS B 339 17.23 -14.60 12.05
N VAL B 340 16.13 -14.62 12.81
CA VAL B 340 14.80 -14.50 12.20
C VAL B 340 14.62 -13.14 11.54
N LYS B 341 14.97 -12.07 12.26
CA LYS B 341 14.77 -10.74 11.72
C LYS B 341 15.59 -10.52 10.45
N SER B 342 16.79 -11.10 10.39
CA SER B 342 17.58 -11.03 9.15
C SER B 342 16.99 -11.88 8.01
#